data_5CR7
#
_entry.id   5CR7
#
_cell.length_a   143.650
_cell.length_b   123.880
_cell.length_c   90.580
_cell.angle_alpha   90.00
_cell.angle_beta   115.49
_cell.angle_gamma   90.00
#
_symmetry.space_group_name_H-M   'C 1 2 1'
#
loop_
_entity.id
_entity.type
_entity.pdbx_description
1 polymer "Cytosolic purine 5'-nucleotidase"
2 non-polymer ~{N}-(7~{H}-purin-6-yl)-3-(3-pyrrol-1-ylphenyl)benzamide
3 non-polymer 'ACETATE ION'
4 non-polymer 'PHOSPHATE ION'
5 non-polymer 'MAGNESIUM ION'
6 non-polymer GLYCEROL
7 water water
#
_entity_poly.entity_id   1
_entity_poly.type   'polypeptide(L)'
_entity_poly.pdbx_seq_one_letter_code
;GSSHHHHHHSSGLVPRGSMSTSWSDRLQNAADMPANMDKHALKKYRREAYHRVFVNRSLAMEKIKCFGFDMDYTLAVYKS
PEYESLGFELTVERLVSIGYPQELLSFAYDSTFPTRGLVFDTLYGNLLKVDAYGNLLVCAHGFNFIRGPETREQYPNKFI
QRDDTERFYILNTLFNLPETYLLACLVDFFTNCPRYTSCETGFKDGDLFMSYRSMFQDVRDAVDWVHYKGSLKEKTVENL
EKYVVKDGKLPLLLSRMKEVGKVFLATNSDYKYTDKIMTYLFDFPHGPKPGSSHRPWQSYFDLILVDARKPLFFGEGTVL
RQVDTKTGKLKIGTYTGPLQHGIVYSGGSSDTICDLLGAKGKDILYIGDHIFGDILKSKKRQGWRTFLVIPELAQELHVW
TDKSSLFEELQSLDIFLAELYKHLDSSSNERPDISSIQRRIKKVTHDMDMCYGMMGSLFRSGSRQTLFASQVMRYADLYA
ASFINLLYYPFSYLFRAAHVLMPHESTVEHTHVDINEMESPLATRNRTSVDFKDTDYKRHQLTRSISEIKPPNL
;
_entity_poly.pdbx_strand_id   A,B
#
loop_
_chem_comp.id
_chem_comp.type
_chem_comp.name
_chem_comp.formula
5WO non-polymer ~{N}-(7~{H}-purin-6-yl)-3-(3-pyrrol-1-ylphenyl)benzamide 'C22 H16 N6 O'
ACT non-polymer 'ACETATE ION' 'C2 H3 O2 -1'
GOL non-polymer GLYCEROL 'C3 H8 O3'
MG non-polymer 'MAGNESIUM ION' 'Mg 2'
PO4 non-polymer 'PHOSPHATE ION' 'O4 P -3'
#
# COMPACT_ATOMS: atom_id res chain seq x y z
N LYS A 44 -20.04 -20.57 -2.06
CA LYS A 44 -18.72 -21.07 -2.41
C LYS A 44 -18.11 -21.96 -1.34
N TYR A 45 -17.43 -23.04 -1.75
CA TYR A 45 -16.73 -23.88 -0.81
C TYR A 45 -15.40 -23.29 -0.35
N ARG A 46 -15.22 -23.23 0.96
CA ARG A 46 -13.96 -22.84 1.56
C ARG A 46 -13.61 -23.79 2.71
N ARG A 47 -12.33 -24.12 2.82
CA ARG A 47 -11.87 -24.98 3.91
C ARG A 47 -12.05 -24.28 5.23
N GLU A 48 -12.05 -25.07 6.30
CA GLU A 48 -12.09 -24.56 7.66
C GLU A 48 -11.14 -23.39 7.81
N ALA A 49 -11.59 -22.34 8.49
CA ALA A 49 -10.81 -21.12 8.69
C ALA A 49 -9.37 -21.40 9.13
N TYR A 50 -9.22 -22.26 10.12
CA TYR A 50 -7.92 -22.49 10.76
C TYR A 50 -7.01 -23.39 9.94
N HIS A 51 -7.53 -23.92 8.84
CA HIS A 51 -6.73 -24.74 7.94
C HIS A 51 -6.30 -23.97 6.71
N ARG A 52 -6.75 -22.73 6.59
CA ARG A 52 -6.71 -22.07 5.30
C ARG A 52 -5.43 -21.32 5.00
N VAL A 53 -5.06 -21.40 3.73
CA VAL A 53 -3.98 -20.62 3.15
C VAL A 53 -4.63 -19.43 2.46
N PHE A 54 -4.21 -18.23 2.83
CA PHE A 54 -4.80 -17.01 2.27
C PHE A 54 -3.95 -16.44 1.15
N VAL A 55 -4.61 -16.04 0.08
CA VAL A 55 -3.94 -15.71 -1.17
C VAL A 55 -3.95 -14.22 -1.50
N ASN A 56 -2.77 -13.62 -1.57
CA ASN A 56 -2.61 -12.24 -2.02
C ASN A 56 -2.53 -12.17 -3.53
N ARG A 57 -1.57 -12.91 -4.08
CA ARG A 57 -1.38 -13.03 -5.52
C ARG A 57 -1.58 -14.48 -5.90
N SER A 58 -2.13 -14.73 -7.08
CA SER A 58 -2.41 -16.09 -7.53
C SER A 58 -1.16 -16.93 -7.73
N LEU A 59 -1.26 -18.23 -7.45
CA LEU A 59 -0.13 -19.14 -7.54
C LEU A 59 -0.59 -20.53 -7.97
N ALA A 60 -0.09 -21.00 -9.10
CA ALA A 60 -0.39 -22.35 -9.58
C ALA A 60 0.60 -23.33 -8.98
N MET A 61 0.14 -24.14 -8.03
CA MET A 61 1.06 -24.94 -7.23
C MET A 61 1.76 -26.05 -8.02
N GLU A 62 1.17 -26.53 -9.12
CA GLU A 62 1.86 -27.55 -9.92
C GLU A 62 3.14 -26.97 -10.52
N LYS A 63 3.18 -25.66 -10.71
CA LYS A 63 4.37 -25.03 -11.27
C LYS A 63 5.50 -24.92 -10.25
N ILE A 64 5.24 -25.32 -9.01
CA ILE A 64 6.24 -25.27 -7.95
C ILE A 64 7.14 -26.51 -7.95
N LYS A 65 8.44 -26.28 -8.10
CA LYS A 65 9.41 -27.37 -8.25
C LYS A 65 10.31 -27.52 -7.02
N CYS A 66 10.47 -26.46 -6.24
CA CYS A 66 11.27 -26.52 -5.04
C CYS A 66 10.60 -25.81 -3.86
N PHE A 67 10.70 -26.42 -2.68
CA PHE A 67 10.19 -25.82 -1.45
C PHE A 67 11.36 -25.49 -0.53
N GLY A 68 11.54 -24.20 -0.26
CA GLY A 68 12.60 -23.74 0.63
C GLY A 68 12.10 -23.34 1.99
N PHE A 69 12.90 -23.64 3.03
CA PHE A 69 12.48 -23.41 4.40
C PHE A 69 13.41 -22.54 5.22
N ASP A 70 12.79 -21.60 5.93
CA ASP A 70 13.39 -20.91 7.06
C ASP A 70 13.27 -21.90 8.22
N MET A 71 14.23 -21.90 9.15
CA MET A 71 14.06 -22.77 10.31
C MET A 71 13.38 -22.02 11.44
N ASP A 72 14.08 -21.06 12.04
CA ASP A 72 13.61 -20.43 13.26
C ASP A 72 12.29 -19.68 13.07
N TYR A 73 11.32 -20.02 13.93
CA TYR A 73 9.95 -19.49 13.89
C TYR A 73 9.22 -19.87 12.60
N THR A 74 9.63 -20.97 12.00
CA THR A 74 8.97 -21.49 10.80
C THR A 74 8.71 -23.00 10.95
N LEU A 75 9.78 -23.79 10.95
CA LEU A 75 9.69 -25.21 11.29
C LEU A 75 9.83 -25.31 12.81
N ALA A 76 10.80 -24.57 13.33
CA ALA A 76 10.96 -24.39 14.76
C ALA A 76 10.11 -23.22 15.26
N VAL A 77 8.84 -23.49 15.53
CA VAL A 77 7.99 -22.50 16.17
C VAL A 77 8.23 -22.54 17.67
N TYR A 78 8.70 -21.43 18.22
CA TYR A 78 9.01 -21.37 19.65
C TYR A 78 7.75 -21.09 20.48
N LYS A 79 7.57 -21.85 21.55
CA LYS A 79 6.37 -21.76 22.38
C LYS A 79 6.21 -20.38 22.99
N SER A 80 4.96 -19.94 23.05
CA SER A 80 4.63 -18.66 23.63
C SER A 80 3.66 -18.92 24.77
N PRO A 81 3.76 -18.15 25.86
CA PRO A 81 4.64 -17.08 26.34
C PRO A 81 6.09 -17.43 26.71
N GLU A 82 6.47 -18.71 26.74
CA GLU A 82 7.69 -19.12 27.43
C GLU A 82 9.02 -18.74 26.78
N TYR A 83 9.10 -18.75 25.45
CA TYR A 83 10.36 -18.42 24.77
C TYR A 83 10.64 -16.94 24.88
N GLU A 84 9.59 -16.14 24.75
CA GLU A 84 9.68 -14.70 24.93
C GLU A 84 10.23 -14.37 26.33
N SER A 85 9.62 -14.97 27.35
CA SER A 85 10.05 -14.77 28.73
C SER A 85 11.54 -15.08 28.89
N LEU A 86 12.00 -16.17 28.29
CA LEU A 86 13.40 -16.55 28.38
C LEU A 86 14.29 -15.49 27.78
N GLY A 87 13.89 -14.96 26.62
CA GLY A 87 14.62 -13.88 25.98
C GLY A 87 14.61 -12.66 26.89
N PHE A 88 13.43 -12.33 27.40
CA PHE A 88 13.25 -11.18 28.26
C PHE A 88 14.17 -11.23 29.48
N GLU A 89 14.11 -12.33 30.23
CA GLU A 89 14.89 -12.46 31.45
C GLU A 89 16.39 -12.37 31.18
N LEU A 90 16.84 -13.01 30.10
CA LEU A 90 18.26 -12.99 29.76
C LEU A 90 18.73 -11.60 29.33
N THR A 91 17.83 -10.83 28.73
CA THR A 91 18.16 -9.49 28.28
C THR A 91 18.29 -8.55 29.46
N VAL A 92 17.38 -8.70 30.42
CA VAL A 92 17.40 -7.90 31.64
C VAL A 92 18.59 -8.26 32.53
N GLU A 93 18.87 -9.55 32.69
CA GLU A 93 20.05 -9.99 33.42
CA GLU A 93 20.05 -9.98 33.43
C GLU A 93 21.30 -9.34 32.85
N ARG A 94 21.34 -9.21 31.53
CA ARG A 94 22.48 -8.62 30.83
C ARG A 94 22.58 -7.10 31.00
N LEU A 95 21.44 -6.43 31.09
CA LEU A 95 21.45 -4.97 31.31
C LEU A 95 21.86 -4.61 32.73
N VAL A 96 21.41 -5.39 33.71
CA VAL A 96 21.83 -5.18 35.10
C VAL A 96 23.34 -5.33 35.24
N SER A 97 23.91 -6.31 34.54
CA SER A 97 25.33 -6.62 34.65
C SER A 97 26.22 -5.48 34.15
N ILE A 98 25.68 -4.64 33.27
CA ILE A 98 26.46 -3.55 32.71
C ILE A 98 26.13 -2.20 33.35
N GLY A 99 25.34 -2.22 34.42
CA GLY A 99 25.13 -1.02 35.23
C GLY A 99 23.71 -0.53 35.41
N TYR A 100 22.74 -1.20 34.80
CA TYR A 100 21.34 -0.83 34.98
C TYR A 100 20.87 -1.20 36.38
N PRO A 101 19.89 -0.46 36.92
CA PRO A 101 19.43 -0.66 38.30
C PRO A 101 18.73 -2.00 38.53
N GLN A 102 18.80 -2.50 39.76
CA GLN A 102 18.27 -3.82 40.11
C GLN A 102 16.75 -3.96 39.97
N GLU A 103 16.02 -2.83 39.95
CA GLU A 103 14.57 -2.88 39.88
C GLU A 103 14.06 -3.51 38.58
N LEU A 104 14.94 -3.62 37.59
CA LEU A 104 14.62 -4.25 36.31
C LEU A 104 14.37 -5.76 36.50
N LEU A 105 14.93 -6.32 37.56
CA LEU A 105 14.81 -7.76 37.81
C LEU A 105 13.39 -8.16 38.23
N SER A 106 12.62 -7.20 38.68
CA SER A 106 11.25 -7.47 39.12
C SER A 106 10.27 -7.38 37.94
N PHE A 107 10.75 -6.92 36.78
CA PHE A 107 9.95 -6.95 35.56
C PHE A 107 9.61 -8.38 35.21
N ALA A 108 8.35 -8.63 34.88
CA ALA A 108 7.96 -9.91 34.32
C ALA A 108 7.38 -9.70 32.93
N TYR A 109 7.82 -10.49 31.97
CA TYR A 109 7.32 -10.36 30.60
C TYR A 109 5.80 -10.52 30.58
N ASP A 110 5.15 -9.75 29.72
CA ASP A 110 3.69 -9.76 29.62
C ASP A 110 3.23 -9.82 28.17
N SER A 111 2.79 -10.98 27.72
CA SER A 111 2.47 -11.17 26.32
C SER A 111 1.31 -10.30 25.83
N THR A 112 0.51 -9.75 26.75
CA THR A 112 -0.70 -9.04 26.33
C THR A 112 -0.47 -7.57 25.95
N PHE A 113 0.76 -7.08 26.11
CA PHE A 113 1.09 -5.70 25.73
C PHE A 113 1.53 -5.56 24.28
N PRO A 114 2.67 -6.18 23.92
CA PRO A 114 3.20 -5.85 22.58
C PRO A 114 2.31 -6.35 21.45
N THR A 115 2.29 -5.60 20.36
CA THR A 115 1.87 -6.13 19.08
C THR A 115 3.06 -5.97 18.17
N ARG A 116 3.36 -7.01 17.40
CA ARG A 116 4.50 -7.02 16.51
C ARG A 116 4.43 -5.90 15.47
N GLY A 117 5.55 -5.23 15.23
CA GLY A 117 5.63 -4.25 14.16
C GLY A 117 5.53 -2.79 14.58
N LEU A 118 5.65 -2.54 15.87
CA LEU A 118 5.55 -1.17 16.38
C LEU A 118 6.81 -0.38 16.03
N VAL A 119 6.71 0.94 16.10
CA VAL A 119 7.85 1.79 15.78
C VAL A 119 8.36 2.50 17.03
N PHE A 120 9.65 2.33 17.32
CA PHE A 120 10.24 3.01 18.47
C PHE A 120 10.85 4.35 18.05
N ASP A 121 10.30 5.41 18.61
CA ASP A 121 10.81 6.75 18.39
C ASP A 121 11.92 7.01 19.40
N THR A 122 13.16 6.96 18.94
CA THR A 122 14.29 7.16 19.85
C THR A 122 14.42 8.60 20.30
N LEU A 123 13.70 9.51 19.64
CA LEU A 123 13.75 10.91 20.04
C LEU A 123 12.90 11.18 21.27
N TYR A 124 11.68 10.65 21.29
CA TYR A 124 10.76 10.93 22.39
C TYR A 124 10.39 9.71 23.25
N GLY A 125 10.96 8.55 22.93
CA GLY A 125 10.79 7.37 23.74
C GLY A 125 9.41 6.74 23.63
N ASN A 126 8.85 6.76 22.43
CA ASN A 126 7.49 6.26 22.20
C ASN A 126 7.41 5.05 21.30
N LEU A 127 6.58 4.09 21.67
CA LEU A 127 6.18 3.01 20.76
C LEU A 127 4.99 3.46 19.94
N LEU A 128 5.18 3.56 18.63
CA LEU A 128 4.10 3.96 17.75
C LEU A 128 3.52 2.78 16.97
N LYS A 129 2.22 2.83 16.73
CA LYS A 129 1.56 1.98 15.75
C LYS A 129 1.09 2.87 14.62
N VAL A 130 1.61 2.66 13.41
CA VAL A 130 1.34 3.55 12.28
C VAL A 130 0.70 2.83 11.11
N ASP A 131 0.13 3.58 10.16
CA ASP A 131 -0.44 2.94 8.97
C ASP A 131 0.59 2.85 7.86
N ALA A 132 0.14 2.41 6.67
CA ALA A 132 1.04 2.18 5.55
C ALA A 132 1.77 3.46 5.12
N TYR A 133 1.18 4.61 5.40
CA TYR A 133 1.67 5.87 4.84
C TYR A 133 2.41 6.76 5.85
N GLY A 134 2.34 6.42 7.13
CA GLY A 134 3.09 7.14 8.15
C GLY A 134 2.28 7.68 9.30
N ASN A 135 0.95 7.62 9.17
CA ASN A 135 0.03 8.18 10.16
C ASN A 135 -0.03 7.44 11.48
N LEU A 136 0.11 8.18 12.58
CA LEU A 136 0.04 7.61 13.93
C LEU A 136 -1.34 7.06 14.26
N LEU A 137 -1.38 5.77 14.57
CA LEU A 137 -2.63 5.14 15.00
C LEU A 137 -2.67 5.04 16.51
N VAL A 138 -1.53 4.69 17.11
CA VAL A 138 -1.44 4.51 18.54
C VAL A 138 -0.06 4.98 19.02
N CYS A 139 -0.01 5.57 20.21
CA CYS A 139 1.23 6.14 20.73
C CYS A 139 1.34 5.99 22.25
N ALA A 140 2.23 5.11 22.70
CA ALA A 140 2.37 4.86 24.12
C ALA A 140 3.73 5.28 24.64
N HIS A 141 3.72 6.12 25.68
CA HIS A 141 4.93 6.41 26.44
C HIS A 141 4.92 5.48 27.64
N GLY A 142 5.86 4.55 27.68
CA GLY A 142 5.77 3.47 28.64
C GLY A 142 4.42 2.80 28.47
N PHE A 143 3.63 2.84 29.53
CA PHE A 143 2.35 2.16 29.54
C PHE A 143 1.22 3.17 29.52
N ASN A 144 1.58 4.40 29.20
CA ASN A 144 0.64 5.51 29.15
C ASN A 144 0.28 5.82 27.69
N PHE A 145 -0.99 5.70 27.36
CA PHE A 145 -1.44 5.88 25.98
C PHE A 145 -1.97 7.29 25.74
N ILE A 146 -1.36 8.00 24.79
CA ILE A 146 -1.56 9.44 24.66
C ILE A 146 -2.80 9.80 23.82
N ARG A 147 -2.70 9.75 22.48
CA ARG A 147 -3.87 9.92 21.63
C ARG A 147 -4.49 11.34 21.75
N GLY A 148 -5.57 11.59 21.01
CA GLY A 148 -6.34 12.82 21.13
C GLY A 148 -5.50 14.02 20.74
N PRO A 149 -5.64 15.12 21.48
CA PRO A 149 -4.84 16.30 21.17
C PRO A 149 -3.37 16.19 21.59
N GLU A 150 -3.09 15.60 22.74
CA GLU A 150 -1.75 15.66 23.35
C GLU A 150 -0.63 15.08 22.47
N THR A 151 -0.99 14.10 21.64
CA THR A 151 -0.03 13.51 20.70
C THR A 151 0.40 14.52 19.65
N ARG A 152 -0.50 15.43 19.31
CA ARG A 152 -0.33 16.33 18.19
C ARG A 152 0.70 17.41 18.47
N GLU A 153 0.92 17.67 19.76
CA GLU A 153 1.95 18.58 20.21
C GLU A 153 3.34 18.04 19.87
N GLN A 154 3.47 16.72 19.96
CA GLN A 154 4.76 16.06 19.79
C GLN A 154 4.96 15.60 18.36
N TYR A 155 3.85 15.23 17.71
CA TYR A 155 3.88 14.84 16.31
C TYR A 155 2.95 15.70 15.48
N PRO A 156 3.42 16.87 15.06
CA PRO A 156 2.68 17.70 14.11
C PRO A 156 2.12 16.88 12.97
N ASN A 157 0.82 17.02 12.72
CA ASN A 157 0.09 16.29 11.68
C ASN A 157 -0.12 14.81 11.98
N LYS A 158 0.19 14.39 13.21
CA LYS A 158 0.07 12.99 13.60
C LYS A 158 0.77 12.11 12.58
N PHE A 159 2.00 12.48 12.26
CA PHE A 159 2.73 11.91 11.14
C PHE A 159 4.20 11.77 11.45
N ILE A 160 4.82 10.71 10.93
CA ILE A 160 6.25 10.47 11.11
C ILE A 160 6.90 10.02 9.80
N GLN A 161 8.16 10.35 9.64
CA GLN A 161 8.92 9.93 8.46
C GLN A 161 9.52 8.54 8.69
N ARG A 162 8.84 7.51 8.20
CA ARG A 162 9.27 6.12 8.41
C ARG A 162 10.65 5.87 7.84
N ASP A 163 11.00 6.61 6.79
CA ASP A 163 12.31 6.50 6.17
C ASP A 163 13.25 7.54 6.75
N ASP A 164 13.27 7.63 8.08
CA ASP A 164 14.24 8.41 8.83
C ASP A 164 14.87 7.49 9.85
N THR A 165 15.58 6.46 9.36
CA THR A 165 16.12 5.43 10.23
C THR A 165 17.13 6.01 11.23
N GLU A 166 17.24 5.32 12.35
CA GLU A 166 17.89 5.79 13.57
C GLU A 166 17.49 7.21 13.97
N ARG A 167 16.23 7.55 13.65
CA ARG A 167 15.38 8.21 14.62
C ARG A 167 14.39 7.14 15.04
N PHE A 168 13.76 6.53 14.03
CA PHE A 168 12.75 5.50 14.27
C PHE A 168 13.31 4.10 14.08
N TYR A 169 12.66 3.12 14.70
CA TYR A 169 13.09 1.73 14.56
C TYR A 169 11.88 0.79 14.50
N ILE A 170 11.73 0.11 13.38
CA ILE A 170 10.58 -0.77 13.18
C ILE A 170 10.84 -2.15 13.76
N LEU A 171 10.00 -2.54 14.71
CA LEU A 171 10.16 -3.80 15.42
C LEU A 171 9.36 -4.90 14.74
N ASN A 172 9.80 -5.30 13.55
CA ASN A 172 9.07 -6.22 12.70
C ASN A 172 9.06 -7.68 13.14
N THR A 173 10.15 -8.18 13.69
CA THR A 173 10.30 -9.62 13.87
C THR A 173 9.80 -10.16 15.22
N LEU A 174 9.58 -11.47 15.25
CA LEU A 174 9.07 -12.15 16.43
C LEU A 174 10.07 -12.14 17.58
N PHE A 175 11.36 -11.99 17.25
CA PHE A 175 12.39 -11.84 18.28
C PHE A 175 12.32 -10.46 18.92
N ASN A 176 11.58 -9.55 18.29
CA ASN A 176 11.51 -8.17 18.79
C ASN A 176 10.47 -7.99 19.88
N LEU A 177 9.53 -8.93 19.98
CA LEU A 177 8.49 -8.87 21.00
C LEU A 177 9.06 -8.63 22.40
N PRO A 178 10.09 -9.42 22.80
CA PRO A 178 10.71 -9.11 24.10
C PRO A 178 11.15 -7.65 24.24
N GLU A 179 12.00 -7.15 23.36
CA GLU A 179 12.50 -5.79 23.53
C GLU A 179 11.42 -4.73 23.31
N THR A 180 10.34 -5.11 22.62
CA THR A 180 9.16 -4.23 22.50
C THR A 180 8.58 -3.94 23.86
N TYR A 181 8.37 -4.99 24.64
CA TYR A 181 7.79 -4.83 25.96
C TYR A 181 8.78 -4.21 26.92
N LEU A 182 10.05 -4.62 26.80
CA LEU A 182 11.12 -4.12 27.65
C LEU A 182 11.26 -2.60 27.59
N LEU A 183 11.22 -2.04 26.38
CA LEU A 183 11.39 -0.60 26.20
C LEU A 183 10.28 0.17 26.89
N ALA A 184 9.07 -0.36 26.79
CA ALA A 184 7.93 0.23 27.47
C ALA A 184 8.16 0.23 28.98
N CYS A 185 8.57 -0.92 29.51
CA CYS A 185 8.88 -1.04 30.94
C CYS A 185 9.93 0.00 31.34
N LEU A 186 11.05 -0.02 30.63
CA LEU A 186 12.15 0.90 30.90
C LEU A 186 11.69 2.37 30.87
N VAL A 187 10.98 2.77 29.81
CA VAL A 187 10.50 4.15 29.73
C VAL A 187 9.56 4.43 30.91
N ASP A 188 8.75 3.45 31.27
CA ASP A 188 7.81 3.61 32.37
C ASP A 188 8.52 3.77 33.70
N PHE A 189 9.41 2.83 33.99
CA PHE A 189 10.15 2.82 35.24
C PHE A 189 10.85 4.15 35.50
N PHE A 190 11.72 4.56 34.59
CA PHE A 190 12.48 5.81 34.77
C PHE A 190 11.57 7.02 34.84
N THR A 191 10.44 6.98 34.16
CA THR A 191 9.47 8.06 34.21
C THR A 191 8.87 8.19 35.62
N ASN A 192 8.45 7.07 36.20
CA ASN A 192 7.81 7.08 37.50
C ASN A 192 8.71 6.58 38.62
N CYS A 193 9.96 7.02 38.61
CA CYS A 193 10.90 6.73 39.69
C CYS A 193 11.49 8.06 40.17
N PRO A 194 11.29 8.38 41.46
CA PRO A 194 11.39 9.76 41.94
C PRO A 194 12.80 10.35 41.82
N ARG A 195 13.80 9.47 41.76
CA ARG A 195 15.18 9.93 41.68
C ARG A 195 15.60 10.17 40.24
N TYR A 196 14.69 9.97 39.30
CA TYR A 196 14.95 10.30 37.91
C TYR A 196 14.05 11.46 37.47
N THR A 197 14.67 12.48 36.87
CA THR A 197 13.94 13.63 36.33
C THR A 197 13.64 13.40 34.86
N SER A 198 12.37 13.49 34.49
CA SER A 198 11.96 13.22 33.10
C SER A 198 12.20 14.41 32.18
N CYS A 199 13.04 14.22 31.18
CA CYS A 199 13.22 15.21 30.11
C CYS A 199 12.44 14.80 28.86
N GLU A 200 12.39 15.66 27.87
CA GLU A 200 11.60 15.39 26.67
C GLU A 200 12.25 14.32 25.80
N THR A 201 13.55 14.14 25.94
CA THR A 201 14.32 13.23 25.09
C THR A 201 15.09 12.21 25.91
N GLY A 202 14.81 12.11 27.20
CA GLY A 202 15.49 11.16 28.06
C GLY A 202 15.33 11.43 29.54
N PHE A 203 16.38 11.12 30.30
CA PHE A 203 16.33 11.24 31.75
C PHE A 203 17.61 11.77 32.37
N LYS A 204 17.47 12.47 33.48
CA LYS A 204 18.58 12.80 34.36
C LYS A 204 18.74 11.66 35.36
N ASP A 205 19.56 10.66 34.99
CA ASP A 205 19.66 9.41 35.75
C ASP A 205 20.82 9.43 36.74
N GLY A 206 20.52 9.65 38.01
CA GLY A 206 21.54 10.10 38.93
C GLY A 206 21.64 11.55 38.54
N ASP A 207 22.62 11.89 37.68
CA ASP A 207 22.56 13.11 36.86
C ASP A 207 23.69 13.47 35.87
N LEU A 208 23.95 12.64 34.88
CA LEU A 208 24.37 13.15 33.58
C LEU A 208 23.24 12.57 32.73
N PHE A 209 23.22 12.77 31.44
CA PHE A 209 21.97 12.53 30.72
C PHE A 209 21.89 11.16 30.03
N MET A 210 20.77 10.46 30.21
CA MET A 210 20.50 9.25 29.42
C MET A 210 19.35 9.47 28.45
N SER A 211 19.68 9.65 27.18
CA SER A 211 18.66 9.83 26.16
C SER A 211 18.00 8.49 25.85
N TYR A 212 16.75 8.56 25.39
CA TYR A 212 16.04 7.37 24.95
C TYR A 212 16.84 6.66 23.85
N ARG A 213 17.56 7.44 23.05
CA ARG A 213 18.36 6.91 21.95
C ARG A 213 19.52 6.05 22.47
N SER A 214 20.16 6.52 23.54
CA SER A 214 21.21 5.73 24.20
C SER A 214 20.62 4.52 24.92
N MET A 215 19.45 4.69 25.53
CA MET A 215 18.78 3.60 26.21
C MET A 215 18.36 2.52 25.21
N PHE A 216 18.03 2.94 24.00
CA PHE A 216 17.57 2.02 22.97
C PHE A 216 18.70 1.14 22.46
N GLN A 217 19.86 1.76 22.21
N GLN A 217 19.85 1.74 22.18
CA GLN A 217 21.04 1.04 21.75
CA GLN A 217 20.98 0.95 21.72
C GLN A 217 21.48 0.06 22.82
C GLN A 217 21.44 0.01 22.83
N ASP A 218 21.39 0.50 24.07
CA ASP A 218 21.68 -0.32 25.24
C ASP A 218 20.87 -1.60 25.15
N VAL A 219 19.59 -1.45 24.83
CA VAL A 219 18.67 -2.56 24.71
C VAL A 219 18.95 -3.37 23.46
N ARG A 220 19.19 -2.68 22.34
CA ARG A 220 19.43 -3.32 21.05
C ARG A 220 20.70 -4.17 21.08
N ASP A 221 21.66 -3.80 21.94
CA ASP A 221 22.90 -4.56 22.05
C ASP A 221 22.73 -5.77 22.97
N ALA A 222 21.99 -5.60 24.06
CA ALA A 222 21.69 -6.69 24.98
C ALA A 222 21.04 -7.87 24.28
N VAL A 223 19.99 -7.59 23.50
CA VAL A 223 19.29 -8.62 22.76
C VAL A 223 20.27 -9.35 21.83
N ASP A 224 20.99 -8.57 21.02
CA ASP A 224 22.02 -9.10 20.13
C ASP A 224 22.99 -9.99 20.88
N TRP A 225 23.49 -9.48 22.01
CA TRP A 225 24.44 -10.20 22.85
C TRP A 225 23.84 -11.51 23.34
N VAL A 226 22.59 -11.43 23.79
CA VAL A 226 21.88 -12.60 24.30
C VAL A 226 21.76 -13.68 23.23
N HIS A 227 21.36 -13.28 22.03
CA HIS A 227 21.26 -14.22 20.92
C HIS A 227 22.62 -14.82 20.56
N TYR A 228 23.65 -13.97 20.52
CA TYR A 228 24.91 -14.35 19.87
C TYR A 228 26.05 -14.79 20.79
N LYS A 229 26.07 -14.31 22.04
CA LYS A 229 27.14 -14.64 23.00
C LYS A 229 26.61 -15.11 24.36
N GLY A 230 25.33 -14.87 24.62
CA GLY A 230 24.73 -15.16 25.92
C GLY A 230 24.19 -16.58 25.96
N SER A 231 23.39 -16.91 26.97
CA SER A 231 22.91 -18.28 27.18
C SER A 231 21.47 -18.58 26.70
N LEU A 232 20.99 -17.87 25.68
CA LEU A 232 19.67 -18.16 25.10
C LEU A 232 19.57 -19.48 24.31
N LYS A 233 20.37 -19.63 23.26
CA LYS A 233 20.38 -20.86 22.47
C LYS A 233 20.64 -22.08 23.37
N GLU A 234 21.61 -21.89 24.26
CA GLU A 234 22.05 -22.81 25.30
C GLU A 234 20.90 -23.32 26.16
N LYS A 235 20.15 -22.39 26.73
CA LYS A 235 19.07 -22.72 27.65
C LYS A 235 17.84 -23.23 26.88
N THR A 236 17.76 -22.87 25.61
CA THR A 236 16.70 -23.39 24.74
C THR A 236 16.92 -24.89 24.53
N VAL A 237 18.15 -25.22 24.14
CA VAL A 237 18.55 -26.58 23.82
C VAL A 237 18.46 -27.56 24.99
N GLU A 238 18.62 -27.06 26.22
CA GLU A 238 18.74 -27.94 27.37
C GLU A 238 17.37 -28.39 27.90
N ASN A 239 16.32 -27.65 27.57
CA ASN A 239 14.95 -28.12 27.78
C ASN A 239 14.05 -27.81 26.59
N LEU A 240 14.21 -28.58 25.52
CA LEU A 240 13.51 -28.29 24.28
C LEU A 240 11.99 -28.45 24.32
N GLU A 241 11.49 -29.37 25.15
CA GLU A 241 10.06 -29.62 25.13
C GLU A 241 9.31 -28.45 25.77
N LYS A 242 10.02 -27.63 26.53
CA LYS A 242 9.42 -26.43 27.09
C LYS A 242 9.29 -25.31 26.04
N TYR A 243 10.31 -25.15 25.20
CA TYR A 243 10.41 -23.97 24.34
C TYR A 243 10.04 -24.14 22.86
N VAL A 244 10.08 -25.37 22.34
CA VAL A 244 9.83 -25.58 20.92
C VAL A 244 8.67 -26.55 20.68
N VAL A 245 7.80 -26.22 19.74
CA VAL A 245 6.68 -27.06 19.36
C VAL A 245 7.16 -28.26 18.54
N LYS A 246 6.47 -29.38 18.64
CA LYS A 246 6.67 -30.47 17.70
C LYS A 246 5.33 -31.12 17.34
N ASP A 247 5.23 -31.61 16.12
CA ASP A 247 3.99 -32.18 15.60
C ASP A 247 4.32 -33.12 14.47
N GLY A 248 3.73 -34.32 14.50
CA GLY A 248 4.00 -35.33 13.50
C GLY A 248 3.54 -34.90 12.12
N LYS A 249 2.86 -33.76 12.07
CA LYS A 249 2.40 -33.19 10.81
C LYS A 249 3.56 -32.60 10.00
N LEU A 250 4.65 -32.22 10.67
CA LEU A 250 5.75 -31.61 9.95
C LEU A 250 6.48 -32.64 9.06
N PRO A 251 6.87 -33.81 9.61
CA PRO A 251 7.45 -34.79 8.68
C PRO A 251 6.49 -35.28 7.61
N LEU A 252 5.20 -35.37 7.93
CA LEU A 252 4.23 -35.86 6.95
C LEU A 252 4.20 -34.92 5.77
N LEU A 253 4.04 -33.63 6.05
CA LEU A 253 3.95 -32.60 5.03
C LEU A 253 5.22 -32.53 4.17
N LEU A 254 6.39 -32.50 4.82
CA LEU A 254 7.64 -32.43 4.08
C LEU A 254 7.79 -33.62 3.15
N SER A 255 7.54 -34.82 3.67
CA SER A 255 7.69 -36.04 2.87
C SER A 255 6.84 -35.98 1.60
N ARG A 256 5.63 -35.43 1.72
CA ARG A 256 4.75 -35.31 0.57
C ARG A 256 5.27 -34.29 -0.43
N MET A 257 5.97 -33.28 0.08
CA MET A 257 6.58 -32.27 -0.78
C MET A 257 7.73 -32.85 -1.58
N LYS A 258 8.45 -33.81 -0.99
CA LYS A 258 9.62 -34.38 -1.65
C LYS A 258 9.21 -35.34 -2.76
N GLU A 259 7.95 -35.74 -2.77
CA GLU A 259 7.40 -36.57 -3.84
C GLU A 259 7.04 -35.77 -5.09
N VAL A 260 6.73 -34.48 -4.93
CA VAL A 260 6.32 -33.68 -6.08
C VAL A 260 7.35 -32.63 -6.48
N GLY A 261 8.42 -32.52 -5.70
CA GLY A 261 9.46 -31.55 -5.98
C GLY A 261 10.64 -31.68 -5.04
N LYS A 262 11.59 -30.75 -5.16
CA LYS A 262 12.76 -30.75 -4.29
C LYS A 262 12.53 -29.88 -3.06
N VAL A 263 13.22 -30.21 -1.97
CA VAL A 263 13.05 -29.49 -0.71
C VAL A 263 14.41 -29.04 -0.16
N PHE A 264 14.51 -27.79 0.28
CA PHE A 264 15.75 -27.34 0.88
C PHE A 264 15.56 -26.46 2.13
N LEU A 265 16.67 -26.30 2.86
CA LEU A 265 16.72 -25.51 4.08
C LEU A 265 17.75 -24.40 3.92
N ALA A 266 17.36 -23.18 4.26
CA ALA A 266 18.30 -22.06 4.25
C ALA A 266 18.11 -21.24 5.52
N THR A 267 18.86 -21.57 6.56
CA THR A 267 18.70 -20.90 7.85
C THR A 267 19.93 -20.09 8.25
N ASN A 268 19.70 -19.08 9.07
CA ASN A 268 20.77 -18.27 9.64
C ASN A 268 21.57 -19.01 10.71
N SER A 269 20.91 -19.89 11.45
CA SER A 269 21.54 -20.57 12.57
C SER A 269 22.71 -21.45 12.12
N ASP A 270 23.62 -21.75 13.05
CA ASP A 270 24.77 -22.60 12.77
C ASP A 270 24.36 -24.07 12.65
N TYR A 271 25.31 -24.97 12.44
CA TYR A 271 24.96 -26.38 12.24
C TYR A 271 24.61 -27.13 13.51
N LYS A 272 25.39 -26.92 14.57
CA LYS A 272 25.15 -27.66 15.79
C LYS A 272 23.85 -27.21 16.44
N TYR A 273 23.48 -25.95 16.26
CA TYR A 273 22.16 -25.51 16.73
C TYR A 273 21.06 -26.10 15.85
N THR A 274 21.33 -26.20 14.55
CA THR A 274 20.36 -26.74 13.62
C THR A 274 20.18 -28.24 13.78
N ASP A 275 21.30 -28.95 13.92
CA ASP A 275 21.26 -30.39 14.16
C ASP A 275 20.40 -30.71 15.38
N LYS A 276 20.49 -29.89 16.42
CA LYS A 276 19.76 -30.14 17.65
C LYS A 276 18.27 -29.85 17.47
N ILE A 277 17.97 -28.68 16.94
CA ILE A 277 16.59 -28.27 16.78
C ILE A 277 15.82 -29.19 15.83
N MET A 278 16.46 -29.59 14.73
CA MET A 278 15.80 -30.44 13.74
C MET A 278 15.64 -31.86 14.23
N THR A 279 16.68 -32.38 14.89
CA THR A 279 16.64 -33.72 15.48
C THR A 279 15.45 -33.86 16.41
N TYR A 280 15.18 -32.80 17.17
CA TYR A 280 14.06 -32.76 18.10
C TYR A 280 12.72 -32.65 17.39
N LEU A 281 12.67 -31.87 16.32
CA LEU A 281 11.45 -31.70 15.54
C LEU A 281 11.02 -33.04 14.94
N PHE A 282 11.99 -33.88 14.63
CA PHE A 282 11.71 -35.15 13.94
C PHE A 282 11.82 -36.36 14.87
N ASP A 283 12.04 -36.10 16.16
CA ASP A 283 12.06 -37.17 17.15
C ASP A 283 10.65 -37.70 17.43
N PHE A 284 10.28 -38.74 16.69
CA PHE A 284 9.07 -39.50 16.95
C PHE A 284 9.43 -40.97 16.80
N PRO A 285 8.62 -41.89 17.38
CA PRO A 285 8.95 -43.30 17.18
C PRO A 285 8.55 -43.83 15.81
N HIS A 286 8.61 -42.98 14.78
CA HIS A 286 8.26 -43.35 13.41
C HIS A 286 8.66 -42.28 12.40
N GLY A 287 8.60 -42.62 11.12
CA GLY A 287 8.87 -41.67 10.04
C GLY A 287 7.65 -40.83 9.73
N PRO A 288 7.43 -40.51 8.44
CA PRO A 288 6.31 -39.65 8.04
C PRO A 288 4.98 -40.10 8.62
N LYS A 289 4.49 -41.26 8.18
CA LYS A 289 3.28 -41.83 8.72
C LYS A 289 3.56 -42.71 9.94
N PRO A 290 2.53 -42.95 10.77
CA PRO A 290 2.55 -44.02 11.77
C PRO A 290 3.01 -45.35 11.18
N GLY A 291 3.67 -46.18 11.98
CA GLY A 291 4.08 -47.51 11.52
C GLY A 291 5.38 -47.52 10.73
N SER A 292 5.50 -46.56 9.82
CA SER A 292 6.75 -46.23 9.14
C SER A 292 8.00 -46.19 10.03
N SER A 293 9.16 -46.44 9.45
CA SER A 293 10.44 -46.29 10.15
C SER A 293 10.87 -44.84 10.23
N HIS A 294 11.35 -44.43 11.40
CA HIS A 294 11.92 -43.11 11.59
C HIS A 294 13.11 -42.91 10.65
N ARG A 295 13.19 -41.72 10.05
N ARG A 295 13.20 -41.72 10.07
CA ARG A 295 14.31 -41.32 9.20
CA ARG A 295 14.35 -41.35 9.25
C ARG A 295 15.01 -40.13 9.84
C ARG A 295 15.02 -40.14 9.86
N PRO A 296 16.31 -39.94 9.55
CA PRO A 296 17.00 -38.73 9.99
C PRO A 296 16.37 -37.47 9.40
N TRP A 297 16.49 -36.34 10.09
CA TRP A 297 15.90 -35.09 9.60
C TRP A 297 16.61 -34.60 8.34
N GLN A 298 17.85 -35.05 8.15
CA GLN A 298 18.58 -34.71 6.94
C GLN A 298 17.93 -35.34 5.71
N SER A 299 17.41 -36.54 5.87
CA SER A 299 16.86 -37.30 4.75
C SER A 299 15.66 -36.61 4.10
N TYR A 300 15.20 -35.53 4.72
CA TYR A 300 14.01 -34.82 4.26
C TYR A 300 14.34 -33.65 3.33
N PHE A 301 15.62 -33.40 3.10
CA PHE A 301 16.07 -32.27 2.28
C PHE A 301 17.08 -32.68 1.21
N ASP A 302 16.91 -32.16 0.00
CA ASP A 302 17.87 -32.37 -1.08
C ASP A 302 19.07 -31.44 -0.93
N LEU A 303 18.86 -30.31 -0.28
CA LEU A 303 19.94 -29.39 0.04
C LEU A 303 19.70 -28.77 1.42
N ILE A 304 20.75 -28.79 2.24
CA ILE A 304 20.70 -28.20 3.58
C ILE A 304 21.74 -27.12 3.68
N LEU A 305 21.33 -25.90 3.98
CA LEU A 305 22.29 -24.82 4.06
C LEU A 305 22.11 -24.05 5.35
N VAL A 306 23.23 -23.82 6.03
CA VAL A 306 23.24 -23.08 7.28
C VAL A 306 24.19 -21.87 7.12
N ASP A 307 24.25 -21.02 8.15
CA ASP A 307 25.04 -19.78 8.09
C ASP A 307 24.70 -18.94 6.87
N ALA A 308 23.40 -18.84 6.58
CA ALA A 308 22.94 -18.27 5.32
C ALA A 308 23.23 -16.77 5.16
N ARG A 309 23.30 -16.04 6.26
CA ARG A 309 23.48 -14.58 6.22
C ARG A 309 22.39 -13.89 5.39
N LYS A 310 21.13 -14.14 5.72
CA LYS A 310 20.05 -13.37 5.13
C LYS A 310 20.05 -11.99 5.77
N PRO A 311 19.75 -10.94 4.99
CA PRO A 311 19.38 -10.85 3.57
C PRO A 311 20.54 -10.92 2.55
N LEU A 312 21.77 -10.62 2.97
CA LEU A 312 22.94 -10.70 2.09
C LEU A 312 22.95 -11.99 1.23
N PHE A 313 22.39 -13.05 1.79
CA PHE A 313 22.17 -14.31 1.08
C PHE A 313 21.53 -14.14 -0.28
N PHE A 314 20.55 -13.24 -0.37
CA PHE A 314 19.73 -13.10 -1.56
C PHE A 314 20.37 -12.19 -2.60
N GLY A 315 21.44 -11.51 -2.20
CA GLY A 315 22.24 -10.73 -3.12
C GLY A 315 23.57 -11.42 -3.41
N GLU A 316 24.66 -10.74 -3.06
CA GLU A 316 26.01 -11.25 -3.29
C GLU A 316 26.29 -12.54 -2.52
N GLY A 317 25.78 -12.61 -1.30
CA GLY A 317 26.02 -13.75 -0.43
C GLY A 317 27.43 -13.74 0.16
N THR A 318 27.84 -14.89 0.66
CA THR A 318 29.21 -15.09 1.12
C THR A 318 29.78 -16.24 0.27
N VAL A 319 31.00 -16.69 0.57
CA VAL A 319 31.54 -17.81 -0.19
C VAL A 319 30.89 -19.10 0.28
N LEU A 320 30.59 -19.98 -0.67
CA LEU A 320 30.03 -21.28 -0.36
C LEU A 320 31.04 -22.18 0.35
N ARG A 321 30.64 -22.70 1.50
CA ARG A 321 31.43 -23.68 2.21
C ARG A 321 30.64 -24.96 2.39
N GLN A 322 31.30 -25.93 2.97
CA GLN A 322 30.67 -27.19 3.33
C GLN A 322 30.97 -27.43 4.80
N VAL A 323 30.14 -28.21 5.45
CA VAL A 323 30.27 -28.42 6.88
C VAL A 323 30.58 -29.89 7.17
N ASP A 324 31.36 -30.13 8.22
CA ASP A 324 31.65 -31.47 8.69
C ASP A 324 30.55 -31.94 9.64
N THR A 325 29.68 -32.82 9.14
CA THR A 325 28.57 -33.38 9.93
C THR A 325 29.03 -33.87 11.31
N LYS A 326 30.26 -34.37 11.35
CA LYS A 326 30.79 -34.91 12.59
C LYS A 326 31.21 -33.85 13.58
N THR A 327 31.46 -32.63 13.13
CA THR A 327 31.97 -31.68 14.12
C THR A 327 31.33 -30.31 14.14
N GLY A 328 30.74 -29.88 13.02
CA GLY A 328 30.09 -28.60 13.01
C GLY A 328 31.13 -27.74 12.35
N LYS A 329 32.36 -27.93 12.76
N LYS A 329 32.36 -27.97 12.73
CA LYS A 329 33.47 -27.21 12.17
CA LYS A 329 33.44 -27.24 12.15
C LYS A 329 33.46 -27.49 10.67
C LYS A 329 33.43 -27.50 10.65
N LEU A 330 33.41 -26.37 9.96
CA LEU A 330 33.62 -26.22 8.54
C LEU A 330 34.75 -27.01 7.89
N LYS A 331 34.47 -27.67 6.77
CA LYS A 331 35.54 -28.31 5.99
C LYS A 331 36.32 -27.30 5.16
N ILE A 332 37.64 -27.48 5.10
CA ILE A 332 38.52 -26.58 4.36
C ILE A 332 38.23 -26.61 2.85
N GLY A 333 37.87 -27.77 2.33
CA GLY A 333 37.56 -27.94 0.92
C GLY A 333 36.07 -27.99 0.58
N THR A 334 35.73 -27.66 -0.67
CA THR A 334 34.35 -27.60 -1.20
C THR A 334 34.20 -27.59 -2.75
N GLN A 340 28.17 -38.37 -4.57
CA GLN A 340 27.69 -38.18 -3.21
C GLN A 340 26.72 -37.00 -3.13
N HIS A 341 25.70 -37.12 -2.29
CA HIS A 341 24.66 -36.09 -2.20
C HIS A 341 24.17 -35.83 -0.77
N GLY A 342 24.66 -36.60 0.20
CA GLY A 342 24.33 -36.38 1.60
C GLY A 342 25.17 -35.27 2.24
N ILE A 343 25.03 -34.05 1.71
CA ILE A 343 25.95 -32.95 2.01
C ILE A 343 25.27 -31.77 2.72
N VAL A 344 26.03 -31.06 3.55
CA VAL A 344 25.54 -29.85 4.23
C VAL A 344 26.39 -28.62 3.94
N TYR A 345 25.77 -27.61 3.33
CA TYR A 345 26.47 -26.39 2.92
C TYR A 345 26.40 -25.25 3.94
N SER A 346 27.32 -24.30 3.79
CA SER A 346 27.39 -23.13 4.65
C SER A 346 27.64 -21.86 3.83
N GLY A 347 27.02 -20.75 4.25
CA GLY A 347 27.15 -19.48 3.54
C GLY A 347 26.45 -19.45 2.19
N GLY A 348 27.17 -19.05 1.15
CA GLY A 348 26.69 -19.11 -0.21
C GLY A 348 25.68 -18.03 -0.58
N SER A 349 24.82 -18.36 -1.54
CA SER A 349 23.85 -17.38 -2.05
C SER A 349 22.57 -18.01 -2.59
N SER A 350 21.55 -17.19 -2.70
CA SER A 350 20.34 -17.52 -3.43
C SER A 350 20.66 -18.13 -4.79
N ASP A 351 21.39 -17.38 -5.61
CA ASP A 351 21.73 -17.80 -6.97
C ASP A 351 22.32 -19.20 -7.00
N THR A 352 23.21 -19.48 -6.06
CA THR A 352 23.85 -20.79 -5.98
C THR A 352 22.85 -21.92 -5.77
N ILE A 353 21.88 -21.70 -4.89
CA ILE A 353 20.87 -22.71 -4.57
C ILE A 353 20.14 -23.16 -5.83
N CYS A 354 19.78 -22.20 -6.68
CA CYS A 354 19.09 -22.50 -7.93
C CYS A 354 19.97 -23.30 -8.86
N ASP A 355 21.25 -22.93 -8.92
CA ASP A 355 22.19 -23.61 -9.78
C ASP A 355 22.33 -25.06 -9.36
N LEU A 356 22.45 -25.30 -8.05
CA LEU A 356 22.56 -26.65 -7.51
C LEU A 356 21.27 -27.44 -7.67
N LEU A 357 20.14 -26.78 -7.47
CA LEU A 357 18.86 -27.46 -7.60
C LEU A 357 18.38 -27.52 -9.05
N GLY A 358 18.99 -26.72 -9.91
CA GLY A 358 18.63 -26.69 -11.31
C GLY A 358 17.24 -26.11 -11.46
N ALA A 359 17.08 -24.89 -10.98
CA ALA A 359 15.79 -24.24 -10.93
C ALA A 359 15.96 -22.75 -11.13
N LYS A 360 14.88 -22.01 -10.92
CA LYS A 360 14.87 -20.61 -11.27
C LYS A 360 13.71 -20.01 -10.41
N GLY A 361 13.83 -18.78 -9.91
CA GLY A 361 12.82 -18.13 -9.08
C GLY A 361 11.38 -18.67 -9.09
N LYS A 362 10.67 -18.38 -10.18
CA LYS A 362 9.34 -18.91 -10.53
C LYS A 362 9.04 -20.29 -9.97
N ASP A 363 10.06 -21.13 -9.99
CA ASP A 363 9.95 -22.53 -9.64
C ASP A 363 10.02 -22.76 -8.14
N ILE A 364 10.46 -21.74 -7.41
CA ILE A 364 10.77 -21.89 -6.00
C ILE A 364 9.78 -21.15 -5.10
N LEU A 365 9.16 -21.88 -4.18
CA LEU A 365 8.31 -21.29 -3.13
C LEU A 365 9.11 -21.23 -1.85
N TYR A 366 9.38 -20.02 -1.37
CA TYR A 366 10.21 -19.88 -0.17
C TYR A 366 9.35 -19.61 1.07
N ILE A 367 9.47 -20.50 2.07
CA ILE A 367 8.58 -20.50 3.21
C ILE A 367 9.28 -20.06 4.47
N GLY A 368 8.76 -19.01 5.11
CA GLY A 368 9.40 -18.43 6.28
C GLY A 368 8.58 -17.37 6.98
N ASP A 369 9.19 -16.76 8.00
CA ASP A 369 8.47 -15.84 8.89
C ASP A 369 8.92 -14.39 8.71
N HIS A 370 9.88 -14.17 7.83
CA HIS A 370 10.52 -12.87 7.71
C HIS A 370 10.13 -12.14 6.42
N ILE A 371 9.83 -10.86 6.56
CA ILE A 371 9.52 -9.98 5.42
C ILE A 371 10.77 -9.26 4.93
N PHE A 372 11.15 -9.45 3.68
CA PHE A 372 12.35 -8.82 3.14
C PHE A 372 12.02 -7.54 2.34
N GLY A 373 12.74 -7.28 1.25
CA GLY A 373 12.58 -6.01 0.56
C GLY A 373 12.80 -6.03 -0.94
N ASP A 374 12.66 -4.85 -1.56
CA ASP A 374 12.84 -4.71 -3.00
C ASP A 374 11.57 -5.00 -3.78
N LYS A 379 16.79 -6.80 -7.50
CA LYS A 379 16.55 -6.90 -8.94
C LYS A 379 17.68 -6.22 -9.73
N LYS A 380 18.32 -6.92 -10.66
CA LYS A 380 17.92 -8.24 -11.11
C LYS A 380 18.34 -9.36 -10.20
N ARG A 381 18.17 -10.52 -10.78
CA ARG A 381 18.42 -11.76 -10.11
C ARG A 381 17.59 -12.49 -11.11
N GLN A 382 16.56 -14.35 -9.16
CA GLN A 382 15.67 -14.28 -10.28
C GLN A 382 14.20 -14.23 -9.88
N GLY A 383 13.99 -14.33 -8.59
CA GLY A 383 12.75 -13.84 -8.04
C GLY A 383 11.82 -14.90 -7.53
N TRP A 384 12.20 -15.49 -6.41
CA TRP A 384 11.44 -16.53 -5.75
C TRP A 384 10.01 -16.18 -5.38
N ARG A 385 9.13 -17.17 -5.47
CA ARG A 385 7.79 -17.03 -4.92
C ARG A 385 7.87 -17.09 -3.39
N THR A 386 6.74 -16.88 -2.74
CA THR A 386 6.78 -16.58 -1.31
C THR A 386 5.60 -17.10 -0.48
N PHE A 387 5.92 -17.84 0.58
CA PHE A 387 4.95 -18.20 1.61
C PHE A 387 5.41 -17.52 2.91
N LEU A 388 4.51 -16.80 3.57
CA LEU A 388 4.86 -16.09 4.80
C LEU A 388 4.07 -16.60 6.00
N VAL A 389 4.79 -16.95 7.05
CA VAL A 389 4.19 -17.47 8.28
C VAL A 389 3.92 -16.33 9.25
N ILE A 390 2.68 -16.24 9.73
CA ILE A 390 2.26 -15.19 10.65
C ILE A 390 1.52 -15.81 11.83
N PRO A 391 2.25 -16.24 12.88
CA PRO A 391 1.60 -17.04 13.93
C PRO A 391 0.44 -16.35 14.64
N GLU A 392 0.47 -15.02 14.73
CA GLU A 392 -0.59 -14.26 15.39
C GLU A 392 -1.97 -14.56 14.80
N LEU A 393 -1.96 -14.98 13.54
CA LEU A 393 -3.17 -15.21 12.76
C LEU A 393 -4.11 -16.25 13.37
N ALA A 394 -3.56 -17.15 14.19
CA ALA A 394 -4.39 -18.14 14.88
C ALA A 394 -5.24 -17.46 15.95
N GLN A 395 -4.68 -16.46 16.62
CA GLN A 395 -5.42 -15.69 17.62
C GLN A 395 -6.45 -14.78 16.98
N GLU A 396 -6.05 -14.11 15.90
CA GLU A 396 -6.91 -13.10 15.29
C GLU A 396 -8.14 -13.71 14.60
N LEU A 397 -8.02 -14.95 14.17
CA LEU A 397 -9.16 -15.62 13.56
C LEU A 397 -10.15 -16.06 14.62
N HIS A 398 -9.68 -16.21 15.86
CA HIS A 398 -10.57 -16.52 16.98
C HIS A 398 -11.40 -15.30 17.36
N VAL A 399 -10.81 -14.12 17.26
CA VAL A 399 -11.55 -12.89 17.51
C VAL A 399 -12.56 -12.67 16.39
N TRP A 400 -12.11 -12.85 15.16
CA TRP A 400 -12.95 -12.66 13.97
C TRP A 400 -14.17 -13.59 14.00
N THR A 401 -14.01 -14.72 14.67
CA THR A 401 -15.03 -15.76 14.73
C THR A 401 -15.81 -15.73 16.04
N ASP A 402 -15.11 -15.79 17.16
CA ASP A 402 -15.75 -15.92 18.47
C ASP A 402 -16.19 -14.58 19.05
N LYS A 403 -15.95 -13.49 18.33
CA LYS A 403 -16.39 -12.19 18.81
C LYS A 403 -17.29 -11.50 17.80
N SER A 404 -18.00 -12.31 17.02
CA SER A 404 -18.95 -11.81 16.03
C SER A 404 -19.91 -10.76 16.60
N SER A 405 -20.40 -11.04 17.82
CA SER A 405 -21.31 -10.14 18.55
C SER A 405 -20.98 -8.68 18.39
N LEU A 406 -19.68 -8.37 18.50
CA LEU A 406 -19.22 -6.99 18.38
C LEU A 406 -19.34 -6.53 16.94
N PHE A 407 -18.83 -7.31 16.00
CA PHE A 407 -18.91 -6.95 14.58
C PHE A 407 -20.36 -6.69 14.14
N GLU A 408 -21.29 -7.50 14.63
CA GLU A 408 -22.69 -7.36 14.25
C GLU A 408 -23.28 -6.06 14.80
N GLU A 409 -23.05 -5.78 16.07
CA GLU A 409 -23.57 -4.55 16.70
C GLU A 409 -23.00 -3.31 16.02
N LEU A 410 -21.75 -3.39 15.57
CA LEU A 410 -21.14 -2.30 14.80
C LEU A 410 -21.90 -2.11 13.49
N GLN A 411 -22.03 -3.20 12.75
CA GLN A 411 -22.68 -3.18 11.46
C GLN A 411 -24.07 -2.59 11.57
N SER A 412 -24.80 -2.97 12.62
CA SER A 412 -26.16 -2.47 12.80
C SER A 412 -26.17 -0.99 13.23
N LEU A 413 -25.22 -0.61 14.07
CA LEU A 413 -25.13 0.77 14.53
C LEU A 413 -24.78 1.66 13.34
N ASP A 414 -24.00 1.11 12.42
CA ASP A 414 -23.65 1.81 11.20
C ASP A 414 -24.85 1.91 10.25
N ILE A 415 -25.56 0.80 10.10
CA ILE A 415 -26.84 0.77 9.39
C ILE A 415 -27.75 1.89 9.86
N PHE A 416 -27.99 1.92 11.16
CA PHE A 416 -28.89 2.90 11.78
C PHE A 416 -28.50 4.33 11.42
N LEU A 417 -27.20 4.58 11.35
CA LEU A 417 -26.71 5.91 11.01
C LEU A 417 -27.14 6.30 9.61
N ALA A 418 -27.01 5.36 8.68
CA ALA A 418 -27.36 5.59 7.28
C ALA A 418 -28.83 5.96 7.12
N GLU A 419 -29.68 5.41 8.00
CA GLU A 419 -31.11 5.71 8.00
C GLU A 419 -31.38 7.18 8.36
N LEU A 420 -30.78 7.66 9.44
CA LEU A 420 -30.95 9.04 9.88
C LEU A 420 -30.73 10.06 8.75
N TYR A 421 -29.73 9.82 7.91
CA TYR A 421 -29.39 10.75 6.82
C TYR A 421 -29.99 10.35 5.46
N LYS A 422 -30.91 9.40 5.47
CA LYS A 422 -31.53 8.87 4.26
C LYS A 422 -32.16 9.93 3.35
N HIS A 423 -33.17 10.62 3.88
CA HIS A 423 -33.88 11.64 3.11
C HIS A 423 -33.27 13.02 3.35
N LEU A 424 -31.95 13.10 3.28
CA LEU A 424 -31.23 14.32 3.63
C LEU A 424 -30.20 14.67 2.56
N ASP A 425 -30.08 15.96 2.27
CA ASP A 425 -29.09 16.45 1.32
C ASP A 425 -28.58 17.82 1.73
N SER A 426 -27.85 18.49 0.84
CA SER A 426 -27.29 19.81 1.13
C SER A 426 -28.37 20.86 1.43
N SER A 427 -29.58 20.65 0.93
CA SER A 427 -30.65 21.61 1.19
C SER A 427 -31.03 21.56 2.67
N SER A 428 -30.96 20.37 3.26
CA SER A 428 -31.45 20.11 4.61
C SER A 428 -30.57 20.67 5.73
N ASN A 429 -31.18 21.45 6.64
CA ASN A 429 -30.48 22.04 7.77
C ASN A 429 -30.66 21.22 9.04
N GLU A 430 -31.32 20.06 8.92
CA GLU A 430 -31.45 19.14 10.04
C GLU A 430 -30.06 18.68 10.50
N ARG A 431 -29.72 18.94 11.76
CA ARG A 431 -28.50 18.40 12.34
C ARG A 431 -28.84 17.38 13.42
N PRO A 432 -29.22 16.15 13.04
CA PRO A 432 -29.59 15.14 14.03
C PRO A 432 -28.46 14.84 15.02
N ASP A 433 -28.78 14.89 16.30
CA ASP A 433 -27.81 14.56 17.34
C ASP A 433 -27.43 13.09 17.23
N ILE A 434 -26.13 12.83 17.13
CA ILE A 434 -25.63 11.48 16.94
C ILE A 434 -24.50 11.17 17.91
N SER A 435 -24.27 12.08 18.86
CA SER A 435 -23.18 11.95 19.82
C SER A 435 -23.35 10.69 20.66
N SER A 436 -24.59 10.42 21.03
CA SER A 436 -24.95 9.23 21.78
C SER A 436 -24.47 7.96 21.06
N ILE A 437 -24.87 7.79 19.81
CA ILE A 437 -24.53 6.58 19.08
C ILE A 437 -23.14 6.69 18.41
N GLN A 438 -22.55 7.87 18.44
CA GLN A 438 -21.13 7.99 18.11
C GLN A 438 -20.34 7.29 19.18
N ARG A 439 -20.57 7.71 20.43
CA ARG A 439 -19.90 7.16 21.59
C ARG A 439 -19.93 5.63 21.63
N ARG A 440 -21.11 5.04 21.44
CA ARG A 440 -21.22 3.59 21.50
C ARG A 440 -20.30 2.95 20.45
N ILE A 441 -20.01 3.66 19.37
CA ILE A 441 -19.10 3.14 18.35
C ILE A 441 -17.62 3.14 18.80
N LYS A 442 -17.10 4.30 19.18
CA LYS A 442 -15.68 4.46 19.57
C LYS A 442 -15.30 3.41 20.56
N LYS A 443 -16.27 3.17 21.40
CA LYS A 443 -16.06 2.31 22.48
C LYS A 443 -16.36 0.84 22.10
N VAL A 444 -17.21 0.52 21.13
CA VAL A 444 -17.20 -0.90 20.77
C VAL A 444 -16.00 -1.20 19.84
N THR A 445 -15.49 -0.19 19.13
CA THR A 445 -14.21 -0.33 18.41
C THR A 445 -13.05 -0.50 19.38
N HIS A 446 -13.16 0.13 20.54
CA HIS A 446 -12.14 -0.02 21.56
C HIS A 446 -12.17 -1.45 22.10
N ASP A 447 -13.36 -1.95 22.40
CA ASP A 447 -13.50 -3.29 22.97
C ASP A 447 -13.01 -4.35 21.99
N MET A 448 -13.51 -4.26 20.75
CA MET A 448 -13.05 -5.13 19.68
C MET A 448 -11.52 -5.04 19.51
N ASP A 449 -10.97 -3.83 19.48
CA ASP A 449 -9.52 -3.64 19.40
C ASP A 449 -8.81 -4.38 20.52
N MET A 450 -9.39 -4.32 21.72
CA MET A 450 -8.71 -4.81 22.91
C MET A 450 -8.74 -6.33 23.06
N CYS A 451 -9.51 -7.00 22.22
CA CYS A 451 -9.49 -8.45 22.20
C CYS A 451 -8.18 -8.98 21.61
N TYR A 452 -7.43 -8.10 20.95
CA TYR A 452 -6.21 -8.50 20.25
C TYR A 452 -4.94 -8.24 21.08
N GLY A 453 -5.08 -7.53 22.20
CA GLY A 453 -3.94 -7.08 22.98
C GLY A 453 -3.98 -5.58 23.20
N MET A 454 -3.13 -5.08 24.10
CA MET A 454 -3.15 -3.65 24.44
C MET A 454 -2.69 -2.74 23.30
N MET A 455 -1.90 -3.26 22.37
CA MET A 455 -1.51 -2.47 21.20
C MET A 455 -2.31 -2.91 19.97
N GLY A 456 -3.36 -3.70 20.19
CA GLY A 456 -4.33 -3.97 19.14
C GLY A 456 -3.95 -5.06 18.15
N SER A 457 -4.70 -5.10 17.05
CA SER A 457 -4.47 -6.11 16.02
C SER A 457 -3.13 -5.90 15.32
N LEU A 458 -2.57 -6.99 14.84
CA LEU A 458 -1.36 -6.94 14.04
C LEU A 458 -1.60 -6.21 12.71
N PHE A 459 -2.79 -6.41 12.14
CA PHE A 459 -3.05 -5.97 10.78
C PHE A 459 -3.80 -4.64 10.66
N ARG A 460 -4.48 -4.22 11.71
CA ARG A 460 -5.26 -2.99 11.64
C ARG A 460 -5.53 -2.33 12.98
N SER A 461 -5.72 -1.01 12.93
CA SER A 461 -6.34 -0.29 14.02
C SER A 461 -7.61 0.34 13.47
N GLY A 462 -8.77 -0.12 13.96
CA GLY A 462 -10.05 0.32 13.46
C GLY A 462 -10.13 0.21 11.94
N SER A 463 -10.55 1.29 11.30
CA SER A 463 -10.71 1.28 9.85
C SER A 463 -9.40 1.04 9.12
N ARG A 464 -8.31 1.55 9.68
CA ARG A 464 -7.04 1.65 8.96
C ARG A 464 -6.17 0.40 9.00
N GLN A 465 -5.57 0.06 7.87
CA GLN A 465 -4.56 -0.99 7.83
C GLN A 465 -3.28 -0.48 8.46
N THR A 466 -2.51 -1.39 9.07
CA THR A 466 -1.23 -1.03 9.64
C THR A 466 -0.16 -1.04 8.57
N LEU A 467 0.97 -0.43 8.88
CA LEU A 467 2.15 -0.57 8.04
C LEU A 467 2.53 -2.04 7.88
N PHE A 468 2.31 -2.84 8.91
CA PHE A 468 2.62 -4.28 8.86
C PHE A 468 1.73 -5.00 7.86
N ALA A 469 0.47 -4.60 7.78
CA ALA A 469 -0.45 -5.14 6.79
C ALA A 469 0.08 -4.92 5.38
N SER A 470 0.42 -3.67 5.07
CA SER A 470 0.87 -3.30 3.74
C SER A 470 2.11 -4.08 3.31
N GLN A 471 3.04 -4.30 4.24
CA GLN A 471 4.25 -5.03 3.90
C GLN A 471 3.96 -6.50 3.63
N VAL A 472 3.05 -7.08 4.41
CA VAL A 472 2.62 -8.46 4.17
C VAL A 472 2.02 -8.57 2.77
N MET A 473 1.24 -7.57 2.36
CA MET A 473 0.62 -7.57 1.04
C MET A 473 1.64 -7.28 -0.06
N ARG A 474 2.67 -6.51 0.29
CA ARG A 474 3.81 -6.34 -0.60
C ARG A 474 4.53 -7.68 -0.77
N TYR A 475 5.01 -8.24 0.33
CA TYR A 475 5.98 -9.36 0.30
C TYR A 475 5.42 -10.75 -0.02
N ALA A 476 4.21 -11.05 0.44
CA ALA A 476 3.74 -12.43 0.47
C ALA A 476 2.79 -12.79 -0.67
N ASP A 477 3.09 -13.90 -1.35
CA ASP A 477 2.13 -14.52 -2.27
C ASP A 477 1.07 -15.27 -1.46
N LEU A 478 1.54 -16.12 -0.56
CA LEU A 478 0.69 -16.94 0.29
C LEU A 478 0.93 -16.64 1.76
N TYR A 479 -0.10 -16.70 2.59
CA TYR A 479 0.13 -16.63 4.03
C TYR A 479 -0.88 -17.38 4.88
N ALA A 480 -0.48 -17.69 6.11
CA ALA A 480 -1.25 -18.45 7.08
C ALA A 480 -0.51 -18.44 8.41
N ALA A 481 -1.15 -18.93 9.46
CA ALA A 481 -0.52 -18.96 10.79
C ALA A 481 0.70 -19.86 10.80
N SER A 482 0.66 -20.92 10.00
CA SER A 482 1.79 -21.83 9.86
C SER A 482 1.72 -22.54 8.52
N PHE A 483 2.89 -22.90 7.99
CA PHE A 483 2.99 -23.55 6.69
C PHE A 483 2.29 -24.90 6.69
N ILE A 484 2.12 -25.49 7.87
CA ILE A 484 1.47 -26.79 8.02
C ILE A 484 0.12 -26.84 7.31
N ASN A 485 -0.60 -25.73 7.33
CA ASN A 485 -1.87 -25.61 6.61
C ASN A 485 -1.77 -26.01 5.13
N LEU A 486 -0.56 -26.12 4.59
CA LEU A 486 -0.37 -26.65 3.25
C LEU A 486 -0.88 -28.08 3.15
N LEU A 487 -0.76 -28.82 4.25
CA LEU A 487 -1.22 -30.20 4.35
C LEU A 487 -2.63 -30.40 3.79
N TYR A 488 -3.46 -29.38 3.89
CA TYR A 488 -4.87 -29.51 3.56
C TYR A 488 -5.19 -29.20 2.09
N TYR A 489 -4.16 -28.89 1.30
CA TYR A 489 -4.33 -28.59 -0.13
C TYR A 489 -3.57 -29.57 -1.01
N PRO A 490 -4.13 -29.91 -2.18
CA PRO A 490 -3.37 -30.74 -3.13
C PRO A 490 -2.27 -29.94 -3.83
N PHE A 491 -1.25 -30.62 -4.32
CA PHE A 491 -0.12 -29.91 -4.93
C PHE A 491 -0.44 -29.51 -6.36
N SER A 492 -1.67 -29.82 -6.78
CA SER A 492 -2.19 -29.37 -8.07
C SER A 492 -3.09 -28.16 -7.88
N TYR A 493 -3.11 -27.63 -6.66
CA TYR A 493 -4.05 -26.58 -6.31
C TYR A 493 -3.73 -25.26 -7.00
N LEU A 494 -4.80 -24.54 -7.37
CA LEU A 494 -4.66 -23.22 -7.92
C LEU A 494 -5.16 -22.19 -6.91
N PHE A 495 -4.21 -21.50 -6.29
CA PHE A 495 -4.53 -20.46 -5.33
C PHE A 495 -4.95 -19.18 -6.05
N ARG A 496 -6.18 -18.74 -5.82
CA ARG A 496 -6.70 -17.53 -6.45
C ARG A 496 -6.61 -16.34 -5.52
N ALA A 497 -5.95 -15.28 -5.96
CA ALA A 497 -5.88 -14.02 -5.22
C ALA A 497 -7.26 -13.61 -4.70
N ALA A 498 -7.31 -13.30 -3.41
CA ALA A 498 -8.52 -12.72 -2.83
C ALA A 498 -8.50 -11.22 -3.09
N HIS A 499 -9.32 -10.77 -4.04
CA HIS A 499 -9.28 -9.39 -4.51
C HIS A 499 -9.51 -8.36 -3.38
N VAL A 500 -8.69 -7.31 -3.38
CA VAL A 500 -8.81 -6.24 -2.40
C VAL A 500 -9.55 -5.06 -3.03
N LEU A 501 -10.51 -4.50 -2.29
CA LEU A 501 -11.49 -3.57 -2.85
C LEU A 501 -11.39 -2.15 -2.30
N MET A 502 -11.48 -1.18 -3.20
CA MET A 502 -11.55 0.23 -2.83
C MET A 502 -12.99 0.56 -2.46
N PRO A 503 -13.21 1.69 -1.77
CA PRO A 503 -14.59 2.05 -1.38
C PRO A 503 -15.62 1.93 -2.50
N HIS A 504 -15.32 2.48 -3.68
CA HIS A 504 -16.31 2.51 -4.75
C HIS A 504 -16.54 1.11 -5.35
N GLU A 505 -15.68 0.16 -4.99
CA GLU A 505 -15.86 -1.22 -5.42
C GLU A 505 -16.60 -2.02 -4.34
N SER A 506 -16.22 -1.80 -3.09
CA SER A 506 -16.73 -2.58 -1.97
C SER A 506 -18.17 -2.23 -1.59
N THR A 507 -18.61 -1.02 -1.92
CA THR A 507 -19.93 -0.57 -1.51
C THR A 507 -20.75 -0.03 -2.68
N VAL A 508 -20.51 -0.61 -3.87
CA VAL A 508 -21.40 -0.44 -5.01
C VAL A 508 -21.65 -1.83 -5.61
N GLU A 509 -22.92 -2.18 -5.76
CA GLU A 509 -23.30 -3.48 -6.29
C GLU A 509 -23.34 -3.47 -7.82
N HIS A 510 -23.37 -4.65 -8.42
CA HIS A 510 -23.31 -4.76 -9.88
C HIS A 510 -24.69 -4.58 -10.51
N THR A 511 -25.71 -4.46 -9.66
CA THR A 511 -27.06 -4.15 -10.13
C THR A 511 -27.16 -2.67 -10.54
N LYS B 44 -28.74 -2.01 4.03
CA LYS B 44 -28.23 -0.67 4.34
C LYS B 44 -28.62 0.35 3.28
N TYR B 45 -28.93 1.57 3.70
CA TYR B 45 -29.24 2.63 2.74
C TYR B 45 -27.98 3.26 2.16
N ARG B 46 -27.95 3.33 0.84
CA ARG B 46 -26.85 3.92 0.09
C ARG B 46 -27.40 4.74 -1.07
N ARG B 47 -26.89 5.95 -1.25
CA ARG B 47 -27.39 6.80 -2.32
C ARG B 47 -27.02 6.24 -3.69
N GLU B 48 -27.74 6.72 -4.71
CA GLU B 48 -27.47 6.37 -6.10
C GLU B 48 -25.98 6.48 -6.41
N ALA B 49 -25.43 5.40 -6.98
CA ALA B 49 -24.01 5.27 -7.22
C ALA B 49 -23.38 6.48 -7.90
N TYR B 50 -24.07 7.04 -8.89
CA TYR B 50 -23.53 8.17 -9.63
C TYR B 50 -23.60 9.46 -8.82
N HIS B 51 -24.39 9.46 -7.75
CA HIS B 51 -24.45 10.61 -6.85
C HIS B 51 -23.53 10.45 -5.66
N ARG B 52 -22.91 9.30 -5.50
CA ARG B 52 -22.28 9.01 -4.23
C ARG B 52 -20.89 9.62 -4.07
N VAL B 53 -20.54 9.85 -2.82
CA VAL B 53 -19.24 10.35 -2.42
C VAL B 53 -18.56 9.28 -1.59
N PHE B 54 -17.44 8.76 -2.09
CA PHE B 54 -16.80 7.61 -1.47
C PHE B 54 -15.75 8.00 -0.41
N VAL B 55 -15.57 7.15 0.58
CA VAL B 55 -14.78 7.52 1.75
C VAL B 55 -13.61 6.57 2.09
N ASN B 56 -12.40 7.10 2.01
CA ASN B 56 -11.19 6.40 2.42
C ASN B 56 -10.95 6.52 3.93
N ARG B 57 -11.08 7.74 4.43
CA ARG B 57 -10.93 8.04 5.85
C ARG B 57 -12.15 8.80 6.33
N SER B 58 -12.60 8.52 7.54
CA SER B 58 -13.83 9.11 8.06
C SER B 58 -13.72 10.64 8.21
N LEU B 59 -14.86 11.31 8.05
CA LEU B 59 -14.89 12.77 8.09
C LEU B 59 -16.25 13.26 8.56
N ALA B 60 -16.25 13.96 9.68
CA ALA B 60 -17.44 14.65 10.15
C ALA B 60 -17.52 16.01 9.46
N MET B 61 -18.53 16.21 8.63
CA MET B 61 -18.60 17.42 7.82
C MET B 61 -18.88 18.66 8.67
N GLU B 62 -19.65 18.50 9.75
CA GLU B 62 -19.99 19.63 10.62
C GLU B 62 -18.74 20.29 11.23
N LYS B 63 -17.64 19.55 11.26
CA LYS B 63 -16.36 20.10 11.71
C LYS B 63 -15.69 20.97 10.64
N ILE B 64 -16.20 20.90 9.41
CA ILE B 64 -15.57 21.60 8.29
C ILE B 64 -15.97 23.08 8.23
N LYS B 65 -14.97 23.96 8.34
CA LYS B 65 -15.21 25.39 8.47
C LYS B 65 -14.91 26.17 7.19
N CYS B 66 -13.97 25.67 6.39
CA CYS B 66 -13.69 26.27 5.09
C CYS B 66 -13.65 25.24 3.97
N PHE B 67 -14.06 25.67 2.78
CA PHE B 67 -14.00 24.83 1.59
C PHE B 67 -13.08 25.46 0.55
N GLY B 68 -12.00 24.76 0.21
CA GLY B 68 -11.04 25.28 -0.74
C GLY B 68 -11.13 24.66 -2.11
N PHE B 69 -10.88 25.46 -3.15
CA PHE B 69 -11.07 24.98 -4.52
C PHE B 69 -9.88 25.15 -5.45
N ASP B 70 -9.53 24.04 -6.09
CA ASP B 70 -8.77 24.02 -7.33
C ASP B 70 -9.73 24.54 -8.40
N MET B 71 -9.21 25.06 -9.51
CA MET B 71 -10.09 25.48 -10.60
C MET B 71 -10.00 24.50 -11.75
N ASP B 72 -8.86 24.48 -12.43
CA ASP B 72 -8.70 23.65 -13.63
C ASP B 72 -8.91 22.16 -13.33
N TYR B 73 -9.90 21.61 -14.02
CA TYR B 73 -10.34 20.22 -13.91
C TYR B 73 -10.97 19.91 -12.54
N THR B 74 -11.41 20.96 -11.85
CA THR B 74 -12.21 20.82 -10.63
C THR B 74 -13.55 21.55 -10.78
N LEU B 75 -13.48 22.88 -10.87
CA LEU B 75 -14.63 23.72 -11.13
C LEU B 75 -14.79 23.90 -12.64
N ALA B 76 -13.65 24.04 -13.31
CA ALA B 76 -13.60 24.06 -14.77
C ALA B 76 -13.26 22.67 -15.30
N VAL B 77 -14.27 21.82 -15.37
CA VAL B 77 -14.10 20.52 -15.99
C VAL B 77 -14.05 20.70 -17.51
N TYR B 78 -12.89 20.43 -18.10
CA TYR B 78 -12.76 20.57 -19.56
C TYR B 78 -13.38 19.39 -20.30
N LYS B 79 -14.16 19.70 -21.33
CA LYS B 79 -14.89 18.69 -22.10
C LYS B 79 -13.98 17.64 -22.70
N SER B 80 -14.48 16.41 -22.79
CA SER B 80 -13.73 15.29 -23.34
C SER B 80 -14.54 14.64 -24.45
N PRO B 81 -13.88 14.25 -25.55
CA PRO B 81 -12.46 14.31 -25.89
C PRO B 81 -11.91 15.60 -26.51
N GLU B 82 -12.74 16.64 -26.64
CA GLU B 82 -12.35 17.82 -27.41
C GLU B 82 -11.17 18.62 -26.83
N TYR B 83 -11.09 18.73 -25.50
CA TYR B 83 -9.98 19.49 -24.91
C TYR B 83 -8.65 18.76 -25.02
N GLU B 84 -8.67 17.45 -24.77
CA GLU B 84 -7.46 16.64 -24.96
C GLU B 84 -6.95 16.78 -26.39
N SER B 85 -7.85 16.61 -27.35
CA SER B 85 -7.49 16.71 -28.77
C SER B 85 -6.80 18.02 -29.08
N LEU B 86 -7.32 19.12 -28.56
CA LEU B 86 -6.74 20.43 -28.81
C LEU B 86 -5.30 20.46 -28.33
N GLY B 87 -5.08 20.03 -27.10
CA GLY B 87 -3.73 19.97 -26.53
C GLY B 87 -2.83 19.09 -27.38
N PHE B 88 -3.38 18.00 -27.89
CA PHE B 88 -2.63 17.10 -28.74
C PHE B 88 -2.18 17.84 -29.99
N GLU B 89 -3.16 18.24 -30.82
CA GLU B 89 -2.90 18.98 -32.07
C GLU B 89 -1.90 20.12 -31.91
N LEU B 90 -2.11 20.95 -30.88
CA LEU B 90 -1.19 22.06 -30.60
C LEU B 90 0.21 21.56 -30.28
N THR B 91 0.30 20.44 -29.57
CA THR B 91 1.60 19.92 -29.15
C THR B 91 2.34 19.28 -30.33
N VAL B 92 1.60 18.58 -31.19
CA VAL B 92 2.21 18.06 -32.41
C VAL B 92 2.63 19.20 -33.33
N GLU B 93 1.77 20.20 -33.49
CA GLU B 93 2.07 21.32 -34.38
C GLU B 93 3.33 22.04 -33.91
N ARG B 94 3.52 22.08 -32.59
CA ARG B 94 4.68 22.72 -32.02
C ARG B 94 5.94 21.90 -32.28
N LEU B 95 5.86 20.60 -32.03
CA LEU B 95 6.95 19.68 -32.35
C LEU B 95 7.38 19.80 -33.81
N VAL B 96 6.40 19.75 -34.71
CA VAL B 96 6.69 19.88 -36.14
C VAL B 96 7.38 21.22 -36.44
N SER B 97 6.96 22.28 -35.75
CA SER B 97 7.55 23.60 -35.95
C SER B 97 9.04 23.63 -35.59
N ILE B 98 9.52 22.63 -34.85
CA ILE B 98 10.93 22.60 -34.46
C ILE B 98 11.67 21.41 -35.10
N GLY B 99 11.06 20.74 -36.06
CA GLY B 99 11.80 19.84 -36.92
C GLY B 99 11.36 18.40 -37.04
N TYR B 100 10.29 18.03 -36.35
CA TYR B 100 9.76 16.67 -36.45
C TYR B 100 9.04 16.48 -37.79
N PRO B 101 8.93 15.22 -38.26
CA PRO B 101 8.39 14.93 -39.60
C PRO B 101 6.96 15.42 -39.81
N GLN B 102 6.56 15.59 -41.07
CA GLN B 102 5.20 16.03 -41.37
C GLN B 102 4.18 14.99 -40.96
N GLU B 103 4.58 13.71 -40.96
CA GLU B 103 3.65 12.61 -40.70
C GLU B 103 2.98 12.69 -39.32
N LEU B 104 3.57 13.48 -38.43
CA LEU B 104 3.00 13.70 -37.11
C LEU B 104 1.66 14.43 -37.22
N LEU B 105 1.49 15.20 -38.30
CA LEU B 105 0.31 16.02 -38.48
C LEU B 105 -0.92 15.20 -38.86
N SER B 106 -0.71 13.97 -39.29
CA SER B 106 -1.83 13.08 -39.59
C SER B 106 -2.11 12.14 -38.41
N PHE B 107 -1.64 12.52 -37.22
CA PHE B 107 -2.03 11.85 -35.97
C PHE B 107 -3.34 12.44 -35.47
N ALA B 108 -4.29 11.59 -35.13
CA ALA B 108 -5.50 12.07 -34.48
C ALA B 108 -5.58 11.47 -33.08
N TYR B 109 -5.70 12.34 -32.07
CA TYR B 109 -5.79 11.90 -30.68
C TYR B 109 -6.89 10.87 -30.55
N ASP B 110 -6.63 9.84 -29.76
CA ASP B 110 -7.57 8.74 -29.57
C ASP B 110 -7.76 8.49 -28.08
N SER B 111 -8.93 8.86 -27.55
CA SER B 111 -9.16 8.80 -26.12
C SER B 111 -9.21 7.38 -25.56
N THR B 112 -9.39 6.39 -26.44
CA THR B 112 -9.55 5.01 -25.96
C THR B 112 -8.24 4.27 -25.68
N PHE B 113 -7.09 4.91 -25.91
CA PHE B 113 -5.79 4.33 -25.58
C PHE B 113 -5.29 4.72 -24.17
N PRO B 114 -5.12 6.04 -23.92
CA PRO B 114 -4.48 6.42 -22.65
C PRO B 114 -5.32 6.15 -21.40
N THR B 115 -4.71 5.51 -20.41
CA THR B 115 -5.23 5.49 -19.05
C THR B 115 -4.29 6.33 -18.19
N ARG B 116 -4.86 7.19 -17.36
CA ARG B 116 -4.08 8.06 -16.50
C ARG B 116 -3.22 7.25 -15.53
N GLY B 117 -2.00 7.72 -15.26
CA GLY B 117 -1.16 7.10 -14.25
C GLY B 117 -0.08 6.15 -14.75
N LEU B 118 0.14 6.15 -16.06
CA LEU B 118 1.13 5.27 -16.67
C LEU B 118 2.54 5.82 -16.48
N VAL B 119 3.55 4.96 -16.66
CA VAL B 119 4.93 5.37 -16.45
C VAL B 119 5.75 5.27 -17.72
N PHE B 120 6.29 6.39 -18.20
CA PHE B 120 7.19 6.33 -19.34
C PHE B 120 8.59 5.99 -18.88
N ASP B 121 9.08 4.85 -19.36
CA ASP B 121 10.46 4.47 -19.20
C ASP B 121 11.25 5.12 -20.31
N THR B 122 11.98 6.18 -19.99
CA THR B 122 12.72 6.92 -20.98
C THR B 122 13.90 6.13 -21.53
N LEU B 123 14.29 5.05 -20.86
CA LEU B 123 15.35 4.20 -21.38
C LEU B 123 14.86 3.42 -22.59
N TYR B 124 13.81 2.61 -22.39
CA TYR B 124 13.40 1.68 -23.44
C TYR B 124 12.19 2.14 -24.25
N GLY B 125 11.69 3.33 -23.95
CA GLY B 125 10.60 3.92 -24.71
C GLY B 125 9.24 3.26 -24.50
N ASN B 126 9.04 2.72 -23.30
CA ASN B 126 7.83 1.97 -23.00
C ASN B 126 6.86 2.70 -22.08
N LEU B 127 5.57 2.44 -22.28
CA LEU B 127 4.52 2.92 -21.38
C LEU B 127 4.08 1.80 -20.46
N LEU B 128 4.40 1.94 -19.17
CA LEU B 128 4.14 0.89 -18.20
C LEU B 128 2.98 1.22 -17.27
N LYS B 129 2.14 0.21 -17.03
CA LYS B 129 1.13 0.25 -15.99
C LYS B 129 1.58 -0.64 -14.85
N VAL B 130 2.04 -0.04 -13.76
CA VAL B 130 2.59 -0.81 -12.63
C VAL B 130 1.64 -0.83 -11.44
N ASP B 131 1.93 -1.68 -10.46
CA ASP B 131 1.08 -1.76 -9.26
C ASP B 131 1.66 -0.89 -8.14
N ALA B 132 1.07 -0.99 -6.94
CA ALA B 132 1.47 -0.15 -5.82
C ALA B 132 2.96 -0.23 -5.49
N TYR B 133 3.57 -1.39 -5.74
CA TYR B 133 4.94 -1.62 -5.31
C TYR B 133 5.97 -1.65 -6.45
N GLY B 134 5.51 -1.46 -7.69
CA GLY B 134 6.40 -1.36 -8.83
C GLY B 134 6.37 -2.54 -9.79
N ASN B 135 5.46 -3.49 -9.55
CA ASN B 135 5.32 -4.66 -10.42
C ASN B 135 4.63 -4.31 -11.74
N LEU B 136 5.26 -4.70 -12.85
CA LEU B 136 4.68 -4.50 -14.18
C LEU B 136 3.38 -5.26 -14.35
N LEU B 137 2.34 -4.56 -14.79
CA LEU B 137 1.06 -5.19 -15.10
C LEU B 137 0.89 -5.23 -16.61
N VAL B 138 1.44 -4.22 -17.28
CA VAL B 138 1.15 -3.94 -18.68
C VAL B 138 2.31 -3.16 -19.32
N CYS B 139 2.84 -3.66 -20.43
CA CYS B 139 3.97 -3.00 -21.10
C CYS B 139 3.71 -2.76 -22.59
N ALA B 140 3.66 -1.50 -23.00
CA ALA B 140 3.44 -1.20 -24.41
C ALA B 140 4.55 -0.33 -24.99
N HIS B 141 5.23 -0.88 -25.99
CA HIS B 141 6.16 -0.13 -26.82
C HIS B 141 5.38 0.31 -28.04
N GLY B 142 5.20 1.61 -28.22
CA GLY B 142 4.29 2.12 -29.22
C GLY B 142 2.92 1.53 -28.95
N PHE B 143 2.32 0.92 -29.96
CA PHE B 143 1.00 0.31 -29.81
C PHE B 143 1.12 -1.21 -29.71
N ASN B 144 2.33 -1.66 -29.42
CA ASN B 144 2.64 -3.07 -29.38
C ASN B 144 2.74 -3.58 -27.94
N PHE B 145 1.72 -4.29 -27.49
CA PHE B 145 1.69 -4.78 -26.12
C PHE B 145 2.52 -6.04 -26.00
N ILE B 146 3.26 -6.12 -24.90
CA ILE B 146 4.41 -6.99 -24.85
C ILE B 146 4.24 -8.28 -24.11
N ARG B 147 4.16 -8.23 -22.80
CA ARG B 147 4.75 -9.30 -22.05
C ARG B 147 4.14 -10.65 -21.97
N GLY B 148 4.26 -11.28 -20.79
CA GLY B 148 4.31 -12.75 -20.84
C GLY B 148 5.82 -12.91 -20.87
N PRO B 149 6.36 -13.88 -21.62
CA PRO B 149 7.80 -14.04 -21.87
C PRO B 149 8.63 -12.76 -22.07
N GLU B 150 8.28 -11.97 -23.09
CA GLU B 150 9.19 -10.98 -23.68
C GLU B 150 9.55 -9.79 -22.77
N THR B 151 8.79 -9.56 -21.70
CA THR B 151 9.19 -8.53 -20.71
C THR B 151 10.45 -8.73 -20.06
N ARG B 152 10.63 -9.93 -19.56
CA ARG B 152 11.70 -10.03 -18.61
C ARG B 152 13.02 -10.01 -19.38
N GLU B 153 13.00 -10.18 -20.70
CA GLU B 153 14.12 -9.73 -21.54
C GLU B 153 14.60 -8.34 -21.13
N GLN B 154 13.63 -7.49 -20.77
CA GLN B 154 13.87 -6.07 -20.61
C GLN B 154 13.69 -5.61 -19.17
N TYR B 155 12.78 -6.27 -18.46
CA TYR B 155 12.54 -5.96 -17.06
C TYR B 155 12.74 -7.19 -16.21
N PRO B 156 13.94 -7.35 -15.66
CA PRO B 156 14.16 -8.52 -14.81
C PRO B 156 13.18 -8.51 -13.65
N ASN B 157 12.74 -9.70 -13.25
CA ASN B 157 11.73 -9.86 -12.22
C ASN B 157 10.48 -9.03 -12.46
N LYS B 158 10.15 -8.76 -13.74
CA LYS B 158 8.99 -7.93 -14.12
C LYS B 158 8.76 -6.81 -13.11
N PHE B 159 9.80 -6.01 -12.89
CA PHE B 159 9.84 -5.05 -11.79
C PHE B 159 10.63 -3.81 -12.17
N ILE B 160 10.14 -2.64 -11.75
CA ILE B 160 10.89 -1.41 -11.84
C ILE B 160 10.91 -0.74 -10.48
N GLN B 161 12.00 -0.07 -10.16
CA GLN B 161 12.08 0.63 -8.89
C GLN B 161 11.58 2.04 -9.10
N ARG B 162 10.26 2.12 -9.04
CA ARG B 162 9.43 3.31 -9.19
C ARG B 162 10.04 4.69 -8.86
N ASP B 163 11.03 4.73 -7.97
CA ASP B 163 11.56 6.01 -7.52
C ASP B 163 12.72 6.56 -8.35
N ASP B 164 13.18 5.77 -9.34
CA ASP B 164 14.25 6.23 -10.22
C ASP B 164 13.71 7.32 -11.14
N THR B 165 13.82 8.56 -10.69
CA THR B 165 13.25 9.72 -11.39
C THR B 165 13.81 9.96 -12.79
N GLU B 166 15.11 9.77 -12.96
CA GLU B 166 15.75 10.13 -14.23
C GLU B 166 15.37 9.20 -15.37
N ARG B 167 14.94 7.99 -15.02
CA ARG B 167 14.57 7.01 -16.03
C ARG B 167 13.06 6.94 -16.22
N PHE B 168 12.32 6.96 -15.12
CA PHE B 168 10.88 6.75 -15.14
C PHE B 168 10.09 8.01 -14.84
N TYR B 169 9.06 8.27 -15.65
CA TYR B 169 8.24 9.44 -15.42
C TYR B 169 6.76 9.10 -15.33
N ILE B 170 6.19 9.31 -14.15
CA ILE B 170 4.79 9.05 -13.90
C ILE B 170 3.91 10.11 -14.55
N LEU B 171 3.09 9.68 -15.50
CA LEU B 171 2.13 10.55 -16.16
C LEU B 171 0.83 10.58 -15.37
N ASN B 172 0.83 11.39 -14.32
CA ASN B 172 -0.18 11.30 -13.28
C ASN B 172 -1.42 12.14 -13.54
N THR B 173 -1.24 13.30 -14.16
CA THR B 173 -2.35 14.26 -14.28
C THR B 173 -3.18 14.15 -15.55
N LEU B 174 -4.34 14.80 -15.53
CA LEU B 174 -5.29 14.79 -16.63
C LEU B 174 -4.76 15.57 -17.83
N PHE B 175 -3.82 16.48 -17.57
CA PHE B 175 -3.15 17.20 -18.64
C PHE B 175 -2.10 16.32 -19.31
N ASN B 176 -1.77 15.19 -18.68
CA ASN B 176 -0.80 14.24 -19.24
C ASN B 176 -1.42 13.31 -20.27
N LEU B 177 -2.73 13.14 -20.24
CA LEU B 177 -3.41 12.23 -21.17
C LEU B 177 -2.98 12.46 -22.63
N PRO B 178 -3.00 13.73 -23.10
CA PRO B 178 -2.46 13.96 -24.45
C PRO B 178 -1.06 13.39 -24.65
N GLU B 179 -0.10 13.79 -23.82
CA GLU B 179 1.27 13.33 -24.06
C GLU B 179 1.42 11.83 -23.80
N THR B 180 0.50 11.24 -23.03
CA THR B 180 0.46 9.79 -22.90
C THR B 180 0.23 9.15 -24.25
N TYR B 181 -0.78 9.64 -24.97
CA TYR B 181 -1.09 9.09 -26.29
C TYR B 181 -0.01 9.46 -27.31
N LEU B 182 0.37 10.74 -27.34
CA LEU B 182 1.41 11.21 -28.24
C LEU B 182 2.69 10.39 -28.14
N LEU B 183 3.11 10.08 -26.91
CA LEU B 183 4.37 9.37 -26.71
C LEU B 183 4.34 8.01 -27.40
N ALA B 184 3.24 7.28 -27.24
CA ALA B 184 3.12 5.95 -27.85
C ALA B 184 3.04 6.05 -29.37
N CYS B 185 2.35 7.09 -29.85
CA CYS B 185 2.26 7.38 -31.27
C CYS B 185 3.64 7.52 -31.88
N LEU B 186 4.44 8.41 -31.27
CA LEU B 186 5.78 8.68 -31.74
C LEU B 186 6.65 7.43 -31.82
N VAL B 187 6.66 6.63 -30.75
CA VAL B 187 7.49 5.43 -30.76
C VAL B 187 6.99 4.44 -31.82
N ASP B 188 5.69 4.34 -31.96
CA ASP B 188 5.11 3.46 -32.98
C ASP B 188 5.55 3.90 -34.37
N PHE B 189 5.49 5.20 -34.61
CA PHE B 189 5.83 5.76 -35.91
C PHE B 189 7.28 5.46 -36.29
N PHE B 190 8.21 5.86 -35.43
CA PHE B 190 9.64 5.70 -35.70
C PHE B 190 10.06 4.24 -35.79
N THR B 191 9.37 3.37 -35.05
CA THR B 191 9.60 1.93 -35.19
C THR B 191 9.17 1.50 -36.59
N ASN B 192 7.92 1.78 -36.92
CA ASN B 192 7.33 1.38 -38.18
C ASN B 192 7.49 2.45 -39.27
N CYS B 193 8.73 2.72 -39.65
CA CYS B 193 9.01 3.62 -40.76
C CYS B 193 10.37 3.30 -41.36
N PRO B 194 10.42 3.05 -42.68
CA PRO B 194 11.65 2.56 -43.30
C PRO B 194 12.80 3.55 -43.18
N ARG B 195 12.48 4.84 -43.06
CA ARG B 195 13.50 5.87 -42.94
C ARG B 195 14.37 5.69 -41.72
N TYR B 196 13.80 5.10 -40.68
CA TYR B 196 14.45 5.04 -39.39
C TYR B 196 14.90 3.62 -39.04
N THR B 197 16.02 3.53 -38.33
CA THR B 197 16.47 2.29 -37.75
C THR B 197 16.24 2.34 -36.25
N SER B 198 15.64 1.29 -35.70
CA SER B 198 15.26 1.27 -34.29
C SER B 198 16.27 0.53 -33.41
N CYS B 199 16.77 1.23 -32.39
CA CYS B 199 17.63 0.63 -31.38
C CYS B 199 16.84 0.38 -30.08
N GLU B 200 17.47 -0.23 -29.09
CA GLU B 200 16.83 -0.46 -27.79
C GLU B 200 16.56 0.84 -27.06
N THR B 201 17.53 1.75 -27.15
CA THR B 201 17.49 2.99 -26.38
C THR B 201 17.02 4.17 -27.22
N GLY B 202 16.68 3.92 -28.48
CA GLY B 202 16.20 4.98 -29.35
C GLY B 202 16.00 4.57 -30.79
N PHE B 203 16.34 5.47 -31.70
CA PHE B 203 16.22 5.19 -33.13
C PHE B 203 17.17 6.08 -33.88
N LYS B 204 17.70 5.62 -35.00
CA LYS B 204 18.57 6.52 -35.69
C LYS B 204 17.91 7.15 -36.89
N ASP B 205 17.99 8.48 -36.84
CA ASP B 205 17.42 9.42 -37.76
C ASP B 205 18.41 9.68 -38.90
N GLY B 206 19.00 8.60 -39.41
CA GLY B 206 20.03 8.69 -40.43
C GLY B 206 21.22 9.52 -39.99
N ASP B 207 22.21 8.85 -39.37
CA ASP B 207 23.46 9.44 -38.88
C ASP B 207 23.30 10.17 -37.52
N LEU B 208 22.10 10.70 -37.27
CA LEU B 208 21.81 11.29 -35.96
C LEU B 208 20.94 10.34 -35.05
N PHE B 209 21.40 10.01 -33.80
CA PHE B 209 20.77 9.13 -32.88
C PHE B 209 19.85 9.95 -32.15
N MET B 210 18.68 9.38 -31.94
CA MET B 210 17.75 10.01 -31.14
C MET B 210 17.28 9.05 -30.05
N SER B 211 17.66 9.36 -28.81
CA SER B 211 17.27 8.53 -27.68
C SER B 211 15.80 8.76 -27.33
N TYR B 212 15.14 7.73 -26.81
CA TYR B 212 13.78 7.87 -26.33
C TYR B 212 13.74 8.93 -25.24
N ARG B 213 14.76 8.94 -24.38
CA ARG B 213 14.89 9.94 -23.32
C ARG B 213 14.90 11.36 -23.88
N SER B 214 15.58 11.56 -25.00
CA SER B 214 15.62 12.89 -25.62
C SER B 214 14.31 13.18 -26.33
N MET B 215 13.70 12.15 -26.88
CA MET B 215 12.40 12.28 -27.52
C MET B 215 11.37 12.72 -26.48
N PHE B 216 11.46 12.15 -25.29
CA PHE B 216 10.53 12.45 -24.21
C PHE B 216 10.62 13.90 -23.75
N GLN B 217 11.83 14.44 -23.65
CA GLN B 217 11.97 15.79 -23.12
C GLN B 217 11.51 16.81 -24.16
N ASP B 218 11.59 16.45 -25.44
CA ASP B 218 11.01 17.29 -26.47
C ASP B 218 9.50 17.33 -26.27
N VAL B 219 8.93 16.16 -25.97
CA VAL B 219 7.50 16.03 -25.78
C VAL B 219 7.09 16.71 -24.47
N ARG B 220 7.95 16.57 -23.46
CA ARG B 220 7.70 17.21 -22.18
C ARG B 220 7.76 18.73 -22.29
N ASP B 221 8.63 19.23 -23.16
CA ASP B 221 8.77 20.68 -23.33
C ASP B 221 7.66 21.27 -24.17
N ALA B 222 7.31 20.59 -25.26
CA ALA B 222 6.27 21.05 -26.18
C ALA B 222 4.96 21.29 -25.44
N VAL B 223 4.58 20.35 -24.59
CA VAL B 223 3.37 20.50 -23.80
C VAL B 223 3.45 21.76 -22.93
N ASP B 224 4.57 21.92 -22.22
CA ASP B 224 4.78 23.08 -21.35
C ASP B 224 4.68 24.39 -22.09
N TRP B 225 5.39 24.46 -23.22
CA TRP B 225 5.36 25.60 -24.12
C TRP B 225 3.91 25.90 -24.50
N VAL B 226 3.21 24.87 -24.98
CA VAL B 226 1.82 25.01 -25.41
C VAL B 226 0.90 25.54 -24.30
N HIS B 227 1.10 25.09 -23.07
CA HIS B 227 0.31 25.63 -21.95
C HIS B 227 0.71 27.07 -21.63
N TYR B 228 2.00 27.36 -21.68
CA TYR B 228 2.52 28.63 -21.18
C TYR B 228 2.80 29.69 -22.27
N LYS B 229 3.61 29.34 -23.27
CA LYS B 229 3.96 30.31 -24.32
C LYS B 229 2.95 30.32 -25.47
N GLY B 230 2.35 29.17 -25.75
CA GLY B 230 1.50 29.00 -26.92
C GLY B 230 0.04 29.39 -26.75
N SER B 231 -0.80 28.88 -27.65
CA SER B 231 -2.17 29.35 -27.77
C SER B 231 -3.23 28.42 -27.21
N LEU B 232 -2.87 27.53 -26.29
CA LEU B 232 -3.85 26.63 -25.71
C LEU B 232 -4.86 27.42 -24.91
N LYS B 233 -4.37 28.22 -23.96
CA LYS B 233 -5.25 29.04 -23.13
C LYS B 233 -6.13 29.94 -24.00
N GLU B 234 -5.55 30.51 -25.06
CA GLU B 234 -6.26 31.44 -25.94
C GLU B 234 -7.40 30.79 -26.72
N LYS B 235 -7.12 29.65 -27.33
CA LYS B 235 -8.11 28.93 -28.15
C LYS B 235 -9.20 28.28 -27.29
N THR B 236 -8.94 28.20 -25.98
CA THR B 236 -9.94 27.71 -25.05
C THR B 236 -10.96 28.80 -24.81
N VAL B 237 -10.46 29.99 -24.50
CA VAL B 237 -11.29 31.14 -24.18
C VAL B 237 -12.16 31.62 -25.35
N GLU B 238 -11.71 31.39 -26.58
CA GLU B 238 -12.43 31.91 -27.75
C GLU B 238 -13.65 31.05 -28.13
N ASN B 239 -13.73 29.86 -27.55
CA ASN B 239 -14.93 29.02 -27.71
C ASN B 239 -15.08 28.10 -26.51
N LEU B 240 -15.49 28.69 -25.38
CA LEU B 240 -15.66 27.97 -24.13
C LEU B 240 -16.81 26.98 -24.19
N GLU B 241 -17.74 27.23 -25.10
CA GLU B 241 -18.89 26.37 -25.23
C GLU B 241 -18.44 24.98 -25.65
N LYS B 242 -17.37 24.91 -26.44
CA LYS B 242 -16.85 23.64 -26.94
C LYS B 242 -15.93 22.95 -25.92
N TYR B 243 -15.33 23.74 -25.03
CA TYR B 243 -14.18 23.25 -24.27
C TYR B 243 -14.39 23.13 -22.76
N VAL B 244 -15.42 23.78 -22.23
CA VAL B 244 -15.67 23.70 -20.79
C VAL B 244 -17.13 23.37 -20.47
N VAL B 245 -17.30 22.41 -19.58
CA VAL B 245 -18.59 22.03 -19.03
C VAL B 245 -19.18 23.17 -18.19
N LYS B 246 -20.50 23.31 -18.19
CA LYS B 246 -21.12 24.15 -17.17
C LYS B 246 -22.48 23.62 -16.75
N ASP B 247 -22.87 23.92 -15.52
CA ASP B 247 -24.02 23.32 -14.89
C ASP B 247 -24.44 24.24 -13.76
N GLY B 248 -25.75 24.46 -13.64
CA GLY B 248 -26.27 25.35 -12.63
C GLY B 248 -26.06 24.81 -11.23
N LYS B 249 -25.71 23.53 -11.14
CA LYS B 249 -25.47 22.90 -9.86
C LYS B 249 -24.27 23.50 -9.14
N LEU B 250 -23.29 24.00 -9.90
CA LEU B 250 -22.07 24.52 -9.29
C LEU B 250 -22.33 25.79 -8.47
N PRO B 251 -23.06 26.77 -9.03
CA PRO B 251 -23.35 27.90 -8.13
C PRO B 251 -24.31 27.53 -7.00
N LEU B 252 -25.26 26.62 -7.24
CA LEU B 252 -26.15 26.19 -6.17
C LEU B 252 -25.31 25.63 -5.02
N LEU B 253 -24.36 24.75 -5.34
CA LEU B 253 -23.55 24.12 -4.30
C LEU B 253 -22.67 25.13 -3.54
N LEU B 254 -21.98 25.99 -4.26
CA LEU B 254 -21.06 26.91 -3.60
C LEU B 254 -21.79 27.92 -2.73
N SER B 255 -23.04 28.23 -3.10
CA SER B 255 -23.84 29.14 -2.29
C SER B 255 -24.19 28.48 -0.96
N ARG B 256 -24.54 27.19 -1.02
CA ARG B 256 -24.91 26.44 0.17
C ARG B 256 -23.71 26.25 1.10
N MET B 257 -22.54 26.09 0.50
CA MET B 257 -21.30 25.98 1.27
C MET B 257 -21.03 27.27 2.07
N LYS B 258 -21.20 28.43 1.42
CA LYS B 258 -20.91 29.71 2.04
C LYS B 258 -21.83 30.02 3.23
N GLU B 259 -22.95 29.32 3.31
CA GLU B 259 -23.86 29.48 4.43
C GLU B 259 -23.28 28.85 5.71
N VAL B 260 -22.60 27.72 5.55
CA VAL B 260 -22.15 26.94 6.71
C VAL B 260 -20.64 27.03 6.96
N GLY B 261 -19.93 27.73 6.08
CA GLY B 261 -18.49 27.87 6.22
C GLY B 261 -17.92 28.92 5.27
N LYS B 262 -16.60 29.07 5.27
CA LYS B 262 -15.94 29.98 4.33
C LYS B 262 -15.49 29.24 3.07
N VAL B 263 -15.35 29.99 1.98
CA VAL B 263 -15.05 29.40 0.68
C VAL B 263 -13.94 30.15 -0.03
N PHE B 264 -12.90 29.45 -0.49
CA PHE B 264 -11.81 30.10 -1.20
C PHE B 264 -11.35 29.40 -2.47
N LEU B 265 -10.72 30.18 -3.34
CA LEU B 265 -10.16 29.69 -4.60
C LEU B 265 -8.64 29.77 -4.52
N ALA B 266 -7.97 28.67 -4.86
CA ALA B 266 -6.51 28.62 -4.84
C ALA B 266 -5.99 27.94 -6.11
N THR B 267 -5.86 28.73 -7.17
CA THR B 267 -5.52 28.19 -8.48
C THR B 267 -4.12 28.61 -8.92
N ASN B 268 -3.56 27.85 -9.86
CA ASN B 268 -2.26 28.16 -10.44
C ASN B 268 -2.38 29.17 -11.58
N SER B 269 -3.51 29.16 -12.25
CA SER B 269 -3.76 30.05 -13.38
C SER B 269 -3.68 31.52 -12.97
N ASP B 270 -3.59 32.41 -13.96
CA ASP B 270 -3.55 33.85 -13.66
C ASP B 270 -4.97 34.42 -13.53
N TYR B 271 -5.09 35.74 -13.44
CA TYR B 271 -6.39 36.36 -13.26
C TYR B 271 -7.14 36.59 -14.57
N LYS B 272 -6.45 36.97 -15.63
CA LYS B 272 -7.16 37.18 -16.88
C LYS B 272 -7.76 35.84 -17.34
N TYR B 273 -7.04 34.75 -17.14
CA TYR B 273 -7.62 33.43 -17.47
C TYR B 273 -8.71 33.01 -16.48
N THR B 274 -8.48 33.24 -15.19
CA THR B 274 -9.43 32.83 -14.16
C THR B 274 -10.75 33.56 -14.31
N ASP B 275 -10.69 34.87 -14.50
CA ASP B 275 -11.91 35.66 -14.64
C ASP B 275 -12.70 35.15 -15.85
N LYS B 276 -12.02 34.91 -16.96
CA LYS B 276 -12.68 34.39 -18.15
C LYS B 276 -13.43 33.09 -17.80
N ILE B 277 -12.70 32.14 -17.22
CA ILE B 277 -13.25 30.83 -16.92
C ILE B 277 -14.37 30.88 -15.86
N MET B 278 -14.13 31.56 -14.75
CA MET B 278 -15.12 31.61 -13.68
C MET B 278 -16.38 32.35 -14.14
N THR B 279 -16.18 33.41 -14.91
CA THR B 279 -17.30 34.18 -15.48
C THR B 279 -18.23 33.29 -16.31
N TYR B 280 -17.62 32.47 -17.17
CA TYR B 280 -18.38 31.56 -18.03
C TYR B 280 -19.14 30.51 -17.22
N LEU B 281 -18.45 29.93 -16.24
CA LEU B 281 -19.03 28.87 -15.40
C LEU B 281 -20.26 29.38 -14.66
N PHE B 282 -20.30 30.67 -14.42
CA PHE B 282 -21.38 31.28 -13.64
C PHE B 282 -22.36 32.09 -14.50
N ASP B 283 -22.13 32.11 -15.81
CA ASP B 283 -23.02 32.80 -16.75
C ASP B 283 -24.34 32.03 -16.93
N PHE B 284 -25.31 32.35 -16.09
CA PHE B 284 -26.68 31.87 -16.23
C PHE B 284 -27.61 33.06 -16.06
N PRO B 285 -28.81 33.00 -16.63
CA PRO B 285 -29.75 34.12 -16.43
C PRO B 285 -30.34 34.19 -15.01
N HIS B 286 -29.65 33.66 -14.01
CA HIS B 286 -30.09 33.81 -12.62
C HIS B 286 -28.95 33.56 -11.63
N GLY B 287 -29.24 33.65 -10.33
CA GLY B 287 -28.27 33.36 -9.29
C GLY B 287 -28.24 31.87 -8.98
N PRO B 288 -27.96 31.52 -7.72
CA PRO B 288 -27.94 30.11 -7.28
C PRO B 288 -29.17 29.32 -7.73
N LYS B 289 -30.34 29.72 -7.24
CA LYS B 289 -31.59 29.08 -7.63
C LYS B 289 -32.25 29.83 -8.78
N PRO B 290 -33.08 29.13 -9.58
CA PRO B 290 -33.94 29.84 -10.53
C PRO B 290 -34.77 30.92 -9.84
N GLY B 291 -34.99 32.04 -10.53
CA GLY B 291 -35.73 33.14 -9.97
C GLY B 291 -34.82 34.24 -9.47
N SER B 292 -33.81 33.87 -8.67
CA SER B 292 -32.89 34.82 -8.08
C SER B 292 -32.08 35.62 -9.09
N SER B 293 -31.60 36.78 -8.66
CA SER B 293 -30.67 37.58 -9.46
C SER B 293 -29.33 36.88 -9.60
N HIS B 294 -28.75 36.96 -10.79
CA HIS B 294 -27.39 36.50 -11.02
C HIS B 294 -26.41 37.39 -10.26
N ARG B 295 -25.35 36.79 -9.74
CA ARG B 295 -24.28 37.52 -9.06
C ARG B 295 -22.95 37.23 -9.73
N PRO B 296 -21.98 38.15 -9.60
CA PRO B 296 -20.66 37.85 -10.16
C PRO B 296 -20.05 36.61 -9.49
N TRP B 297 -19.09 35.96 -10.15
CA TRP B 297 -18.52 34.72 -9.64
C TRP B 297 -17.66 34.94 -8.40
N GLN B 298 -17.14 36.14 -8.26
CA GLN B 298 -16.28 36.44 -7.13
C GLN B 298 -17.07 36.46 -5.84
N SER B 299 -18.34 36.85 -5.92
CA SER B 299 -19.19 36.99 -4.74
C SER B 299 -19.32 35.68 -3.96
N TYR B 300 -18.97 34.57 -4.60
CA TYR B 300 -19.13 33.26 -4.00
C TYR B 300 -17.92 32.84 -3.16
N PHE B 301 -16.88 33.68 -3.14
CA PHE B 301 -15.65 33.35 -2.43
C PHE B 301 -15.25 34.42 -1.41
N ASP B 302 -14.85 34.00 -0.22
CA ASP B 302 -14.35 34.92 0.79
C ASP B 302 -12.93 35.34 0.46
N LEU B 303 -12.20 34.41 -0.14
CA LEU B 303 -10.81 34.64 -0.53
C LEU B 303 -10.57 34.03 -1.90
N ILE B 304 -9.99 34.82 -2.81
CA ILE B 304 -9.63 34.32 -4.14
C ILE B 304 -8.15 34.52 -4.37
N LEU B 305 -7.46 33.44 -4.72
CA LEU B 305 -6.01 33.50 -4.87
C LEU B 305 -5.55 32.85 -6.16
N VAL B 306 -4.72 33.57 -6.91
CA VAL B 306 -4.22 33.10 -8.19
C VAL B 306 -2.70 32.99 -8.14
N ASP B 307 -2.11 32.39 -9.17
CA ASP B 307 -0.65 32.25 -9.26
C ASP B 307 -0.10 31.50 -8.04
N ALA B 308 -0.85 30.50 -7.59
CA ALA B 308 -0.53 29.76 -6.36
C ALA B 308 0.84 29.11 -6.39
N ARG B 309 1.24 28.63 -7.57
CA ARG B 309 2.47 27.87 -7.73
C ARG B 309 2.50 26.70 -6.76
N LYS B 310 1.46 25.85 -6.84
CA LYS B 310 1.45 24.57 -6.14
C LYS B 310 2.42 23.65 -6.87
N PRO B 311 3.11 22.76 -6.14
CA PRO B 311 3.09 22.49 -4.69
C PRO B 311 3.84 23.49 -3.81
N LEU B 312 4.70 24.33 -4.38
CA LEU B 312 5.47 25.31 -3.60
C LEU B 312 4.56 26.13 -2.69
N PHE B 313 3.34 26.36 -3.15
CA PHE B 313 2.27 26.98 -2.37
C PHE B 313 2.15 26.40 -0.95
N PHE B 314 2.26 25.08 -0.87
CA PHE B 314 1.99 24.35 0.36
C PHE B 314 3.17 24.33 1.33
N GLY B 315 4.33 24.75 0.83
CA GLY B 315 5.52 24.89 1.65
C GLY B 315 5.75 26.36 1.97
N GLU B 316 6.93 26.87 1.67
CA GLU B 316 7.17 28.25 2.04
C GLU B 316 6.46 29.21 1.08
N GLY B 317 6.18 28.78 -0.15
CA GLY B 317 5.35 29.57 -1.06
C GLY B 317 6.11 30.65 -1.80
N THR B 318 5.41 31.73 -2.13
CA THR B 318 6.04 32.91 -2.73
C THR B 318 5.54 34.13 -1.96
N VAL B 319 6.03 35.31 -2.33
CA VAL B 319 5.60 36.52 -1.63
C VAL B 319 4.13 36.81 -1.95
N LEU B 320 3.40 37.28 -0.95
CA LEU B 320 1.99 37.63 -1.12
C LEU B 320 1.82 38.91 -1.90
N ARG B 321 1.32 38.79 -3.14
CA ARG B 321 0.91 39.94 -3.92
C ARG B 321 -0.62 39.97 -3.97
N GLN B 322 -1.15 41.10 -4.43
CA GLN B 322 -2.57 41.21 -4.69
C GLN B 322 -2.75 41.78 -6.08
N VAL B 323 -3.96 41.67 -6.63
CA VAL B 323 -4.16 42.02 -8.03
C VAL B 323 -5.17 43.14 -8.26
N ASP B 324 -4.73 44.13 -9.02
CA ASP B 324 -5.57 45.14 -9.64
C ASP B 324 -6.64 44.45 -10.48
N THR B 325 -7.87 44.34 -9.98
CA THR B 325 -8.96 43.74 -10.76
C THR B 325 -9.03 44.35 -12.15
N LYS B 326 -8.87 45.67 -12.16
CA LYS B 326 -8.93 46.48 -13.35
C LYS B 326 -7.84 46.14 -14.36
N THR B 327 -6.59 46.25 -13.92
CA THR B 327 -5.49 45.97 -14.79
C THR B 327 -5.41 44.45 -15.17
N GLY B 328 -5.90 43.62 -14.28
CA GLY B 328 -5.67 42.18 -14.38
C GLY B 328 -4.21 41.94 -14.08
N LYS B 329 -3.63 42.82 -13.26
CA LYS B 329 -2.18 42.83 -12.98
C LYS B 329 -1.92 43.23 -11.53
N LEU B 330 -0.69 43.03 -11.08
CA LEU B 330 -0.28 43.46 -9.74
C LEU B 330 0.08 44.95 -9.80
N LYS B 331 -0.18 45.75 -8.75
CA LYS B 331 -0.77 45.33 -7.47
C LYS B 331 -2.01 46.16 -7.17
N ILE B 343 -10.89 41.73 -3.30
CA ILE B 343 -9.50 42.14 -3.16
C ILE B 343 -8.59 41.33 -4.09
N VAL B 344 -8.74 40.01 -4.05
CA VAL B 344 -8.03 39.08 -4.94
C VAL B 344 -6.51 39.09 -4.75
N TYR B 345 -6.00 37.97 -4.25
CA TYR B 345 -4.58 37.84 -3.95
C TYR B 345 -3.80 37.11 -5.03
N SER B 346 -2.47 37.17 -4.93
CA SER B 346 -1.61 36.43 -5.85
C SER B 346 -0.39 35.88 -5.11
N GLY B 347 0.01 34.66 -5.48
CA GLY B 347 1.15 34.00 -4.85
C GLY B 347 0.81 33.55 -3.46
N GLY B 348 1.72 33.80 -2.51
CA GLY B 348 1.45 33.53 -1.11
C GLY B 348 1.74 32.11 -0.66
N SER B 349 0.97 31.67 0.34
CA SER B 349 1.23 30.42 1.03
C SER B 349 -0.03 29.75 1.56
N SER B 350 0.05 28.43 1.71
CA SER B 350 -0.94 27.67 2.46
C SER B 350 -1.16 28.29 3.84
N ASP B 351 -0.06 28.61 4.50
CA ASP B 351 -0.07 29.19 5.83
C ASP B 351 -0.85 30.50 5.84
N THR B 352 -0.60 31.32 4.82
CA THR B 352 -1.23 32.63 4.73
C THR B 352 -2.75 32.51 4.67
N ILE B 353 -3.24 31.57 3.87
CA ILE B 353 -4.67 31.33 3.75
C ILE B 353 -5.29 31.13 5.13
N CYS B 354 -4.67 30.26 5.92
CA CYS B 354 -5.14 29.98 7.27
C CYS B 354 -5.17 31.23 8.15
N ASP B 355 -4.12 32.04 8.05
CA ASP B 355 -4.05 33.27 8.83
C ASP B 355 -5.18 34.21 8.43
N LEU B 356 -5.32 34.45 7.13
CA LEU B 356 -6.34 35.36 6.63
C LEU B 356 -7.75 34.85 6.92
N LEU B 357 -8.00 33.57 6.68
CA LEU B 357 -9.33 33.00 6.91
C LEU B 357 -9.61 32.79 8.39
N GLY B 358 -8.56 32.74 9.20
CA GLY B 358 -8.71 32.50 10.62
C GLY B 358 -9.29 31.12 10.86
N ALA B 359 -8.66 30.14 10.25
CA ALA B 359 -9.00 28.74 10.41
C ALA B 359 -7.66 28.05 10.38
N LYS B 360 -7.54 26.84 10.91
CA LYS B 360 -6.31 26.13 10.56
C LYS B 360 -6.35 24.62 10.62
N GLY B 361 -6.35 24.06 9.42
CA GLY B 361 -5.87 22.73 9.17
C GLY B 361 -6.99 21.77 9.00
N LYS B 362 -7.16 20.93 10.02
CA LYS B 362 -8.27 19.99 10.09
C LYS B 362 -9.62 20.71 9.90
N ASP B 363 -9.60 22.04 10.00
CA ASP B 363 -10.77 22.86 9.75
C ASP B 363 -11.03 23.06 8.25
N ILE B 364 -10.03 22.76 7.42
CA ILE B 364 -10.10 23.03 5.98
C ILE B 364 -10.24 21.77 5.13
N LEU B 365 -11.17 21.83 4.18
CA LEU B 365 -11.37 20.76 3.21
C LEU B 365 -10.94 21.22 1.82
N TYR B 366 -9.82 20.71 1.34
CA TYR B 366 -9.30 21.13 0.04
C TYR B 366 -9.82 20.22 -1.08
N ILE B 367 -10.49 20.85 -2.05
CA ILE B 367 -11.16 20.12 -3.14
C ILE B 367 -10.44 20.33 -4.47
N GLY B 368 -9.92 19.26 -5.05
CA GLY B 368 -9.19 19.36 -6.30
C GLY B 368 -8.95 18.07 -7.05
N ASP B 369 -8.17 18.17 -8.13
CA ASP B 369 -7.98 17.05 -9.05
C ASP B 369 -6.55 16.52 -9.04
N HIS B 370 -5.72 17.09 -8.16
CA HIS B 370 -4.30 16.79 -8.15
C HIS B 370 -3.87 16.12 -6.85
N ILE B 371 -3.16 15.01 -7.00
CA ILE B 371 -2.65 14.24 -5.86
C ILE B 371 -1.27 14.75 -5.43
N PHE B 372 -1.18 15.19 -4.18
CA PHE B 372 0.04 15.78 -3.65
C PHE B 372 0.81 14.76 -2.82
N GLY B 373 1.75 15.22 -2.00
CA GLY B 373 2.56 14.27 -1.24
C GLY B 373 3.15 14.73 0.07
N ASP B 374 4.19 14.01 0.50
CA ASP B 374 4.98 14.31 1.69
C ASP B 374 4.23 14.11 3.01
N ILE B 375 4.56 14.99 3.96
CA ILE B 375 4.12 15.01 5.37
C ILE B 375 2.69 15.49 5.62
N LEU B 376 2.52 16.80 5.44
CA LEU B 376 1.27 17.49 5.69
C LEU B 376 0.31 17.18 4.56
N LYS B 380 6.09 19.84 9.48
CA LYS B 380 5.50 20.80 10.42
C LYS B 380 4.33 21.54 9.78
N ARG B 381 3.62 22.30 10.61
CA ARG B 381 2.38 23.00 10.23
C ARG B 381 1.31 22.01 9.80
N GLN B 382 0.17 22.06 10.47
CA GLN B 382 -0.85 21.04 10.25
C GLN B 382 -1.58 21.18 8.91
N GLY B 383 -1.78 20.04 8.25
CA GLY B 383 -2.33 20.01 6.91
C GLY B 383 -3.82 19.78 6.79
N TRP B 384 -4.34 20.13 5.62
CA TRP B 384 -5.76 20.16 5.32
C TRP B 384 -6.32 18.79 5.02
N ARG B 385 -7.63 18.65 5.20
CA ARG B 385 -8.31 17.46 4.73
C ARG B 385 -8.57 17.64 3.24
N THR B 386 -8.84 16.54 2.54
CA THR B 386 -8.90 16.57 1.08
C THR B 386 -10.09 15.85 0.47
N PHE B 387 -10.67 16.47 -0.55
CA PHE B 387 -11.64 15.82 -1.41
C PHE B 387 -11.00 15.76 -2.81
N LEU B 388 -10.98 14.58 -3.43
CA LEU B 388 -10.28 14.40 -4.69
C LEU B 388 -11.19 14.05 -5.86
N VAL B 389 -11.18 14.93 -6.87
CA VAL B 389 -11.93 14.70 -8.10
C VAL B 389 -11.23 13.69 -9.02
N ILE B 390 -11.99 12.70 -9.48
CA ILE B 390 -11.47 11.68 -10.39
C ILE B 390 -12.50 11.45 -11.50
N PRO B 391 -12.50 12.31 -12.53
CA PRO B 391 -13.55 12.25 -13.56
C PRO B 391 -13.75 10.86 -14.16
N GLU B 392 -12.69 10.07 -14.24
CA GLU B 392 -12.77 8.74 -14.86
C GLU B 392 -13.75 7.83 -14.13
N LEU B 393 -14.09 8.21 -12.91
CA LEU B 393 -14.89 7.37 -12.02
C LEU B 393 -16.30 7.16 -12.57
N ALA B 394 -16.79 8.12 -13.34
CA ALA B 394 -18.13 7.99 -13.92
C ALA B 394 -18.21 6.80 -14.87
N GLN B 395 -17.32 6.77 -15.84
N GLN B 395 -17.32 6.73 -15.85
CA GLN B 395 -17.23 5.71 -16.84
CA GLN B 395 -17.39 5.64 -16.83
C GLN B 395 -16.97 4.36 -16.19
C GLN B 395 -16.87 4.32 -16.27
N GLU B 396 -16.14 4.36 -15.15
CA GLU B 396 -15.73 3.12 -14.48
C GLU B 396 -16.89 2.52 -13.67
N LEU B 397 -17.77 3.38 -13.17
CA LEU B 397 -18.95 2.90 -12.47
C LEU B 397 -19.93 2.26 -13.47
N HIS B 398 -19.91 2.74 -14.70
CA HIS B 398 -20.80 2.23 -15.74
C HIS B 398 -20.38 0.81 -16.18
N VAL B 399 -19.09 0.52 -16.14
CA VAL B 399 -18.63 -0.85 -16.33
C VAL B 399 -19.08 -1.74 -15.18
N TRP B 400 -18.92 -1.23 -13.96
CA TRP B 400 -19.20 -1.97 -12.74
C TRP B 400 -20.67 -2.36 -12.62
N THR B 401 -21.53 -1.64 -13.33
CA THR B 401 -22.97 -1.88 -13.25
C THR B 401 -23.54 -2.48 -14.54
N ASP B 402 -23.09 -1.98 -15.68
CA ASP B 402 -23.66 -2.41 -16.97
C ASP B 402 -23.00 -3.67 -17.52
N LYS B 403 -21.89 -4.08 -16.93
CA LYS B 403 -21.17 -5.27 -17.40
C LYS B 403 -21.15 -6.36 -16.33
N SER B 404 -22.18 -6.35 -15.48
CA SER B 404 -22.30 -7.30 -14.38
C SER B 404 -22.31 -8.76 -14.85
N SER B 405 -22.72 -8.98 -16.11
CA SER B 405 -22.76 -10.33 -16.66
C SER B 405 -21.38 -10.97 -16.70
N LEU B 406 -20.34 -10.14 -16.84
CA LEU B 406 -18.96 -10.62 -16.86
C LEU B 406 -18.50 -10.97 -15.46
N PHE B 407 -18.75 -10.05 -14.52
CA PHE B 407 -18.38 -10.24 -13.13
C PHE B 407 -18.98 -11.53 -12.58
N GLU B 408 -20.28 -11.70 -12.80
CA GLU B 408 -21.00 -12.88 -12.34
C GLU B 408 -20.42 -14.17 -12.91
N GLU B 409 -19.90 -14.13 -14.13
CA GLU B 409 -19.38 -15.33 -14.77
C GLU B 409 -18.00 -15.70 -14.24
N LEU B 410 -17.19 -14.70 -13.94
CA LEU B 410 -15.92 -14.95 -13.27
C LEU B 410 -16.21 -15.56 -11.91
N GLN B 411 -17.24 -15.05 -11.25
CA GLN B 411 -17.66 -15.56 -9.96
C GLN B 411 -18.06 -17.01 -10.06
N SER B 412 -18.79 -17.37 -11.12
CA SER B 412 -19.23 -18.74 -11.31
C SER B 412 -18.05 -19.67 -11.58
N LEU B 413 -17.08 -19.20 -12.36
CA LEU B 413 -15.91 -20.00 -12.68
C LEU B 413 -15.05 -20.23 -11.45
N ASP B 414 -15.05 -19.25 -10.55
CA ASP B 414 -14.30 -19.37 -9.31
C ASP B 414 -15.00 -20.33 -8.35
N ILE B 415 -16.33 -20.22 -8.27
CA ILE B 415 -17.14 -21.13 -7.47
C ILE B 415 -16.91 -22.58 -7.91
N PHE B 416 -16.89 -22.79 -9.22
CA PHE B 416 -16.71 -24.12 -9.78
C PHE B 416 -15.34 -24.71 -9.42
N LEU B 417 -14.29 -23.93 -9.62
CA LEU B 417 -12.93 -24.35 -9.27
C LEU B 417 -12.84 -24.85 -7.83
N ALA B 418 -13.43 -24.08 -6.93
CA ALA B 418 -13.50 -24.43 -5.52
C ALA B 418 -14.08 -25.83 -5.33
N GLU B 419 -15.11 -26.14 -6.13
CA GLU B 419 -15.84 -27.41 -5.99
C GLU B 419 -15.04 -28.59 -6.55
N LEU B 420 -14.21 -28.32 -7.55
CA LEU B 420 -13.35 -29.37 -8.10
C LEU B 420 -12.30 -29.81 -7.09
N TYR B 421 -11.81 -28.86 -6.30
CA TYR B 421 -10.72 -29.12 -5.35
C TYR B 421 -11.17 -29.36 -3.92
N LYS B 422 -12.48 -29.40 -3.67
CA LYS B 422 -12.96 -29.39 -2.29
C LYS B 422 -12.56 -30.67 -1.52
N HIS B 423 -12.78 -31.85 -2.09
CA HIS B 423 -12.50 -33.10 -1.40
C HIS B 423 -11.03 -33.50 -1.50
N LEU B 424 -10.17 -32.53 -1.80
CA LEU B 424 -8.77 -32.80 -2.11
C LEU B 424 -7.82 -32.15 -1.12
N ASP B 425 -6.78 -32.89 -0.73
CA ASP B 425 -5.71 -32.33 0.09
C ASP B 425 -4.34 -32.82 -0.43
N SER B 426 -3.31 -32.67 0.39
CA SER B 426 -1.97 -33.05 -0.06
C SER B 426 -1.81 -34.56 -0.21
N SER B 427 -2.72 -35.33 0.38
CA SER B 427 -2.67 -36.78 0.22
C SER B 427 -2.99 -37.15 -1.23
N SER B 428 -3.77 -36.30 -1.88
CA SER B 428 -4.29 -36.59 -3.21
C SER B 428 -3.35 -36.25 -4.36
N ASN B 429 -3.25 -37.30 -5.18
CA ASN B 429 -2.64 -37.49 -6.50
C ASN B 429 -3.38 -36.91 -7.68
N GLU B 430 -4.55 -36.37 -7.39
CA GLU B 430 -5.45 -36.04 -8.47
C GLU B 430 -5.04 -34.73 -9.10
N ARG B 431 -4.75 -34.74 -10.39
CA ARG B 431 -4.64 -33.50 -11.13
C ARG B 431 -5.90 -33.29 -11.95
N PRO B 432 -6.79 -32.42 -11.47
CA PRO B 432 -7.91 -32.03 -12.33
C PRO B 432 -7.36 -31.24 -13.50
N ASP B 433 -7.92 -31.39 -14.70
CA ASP B 433 -7.54 -30.43 -15.71
C ASP B 433 -8.52 -29.29 -15.67
N ILE B 434 -7.96 -28.09 -15.64
CA ILE B 434 -8.72 -26.87 -15.44
C ILE B 434 -8.35 -25.85 -16.51
N SER B 435 -7.50 -26.27 -17.45
CA SER B 435 -6.96 -25.37 -18.46
C SER B 435 -8.03 -24.75 -19.34
N SER B 436 -9.16 -25.45 -19.52
CA SER B 436 -10.29 -24.86 -20.24
C SER B 436 -10.82 -23.68 -19.46
N ILE B 437 -11.10 -23.92 -18.19
CA ILE B 437 -11.55 -22.88 -17.27
C ILE B 437 -10.48 -21.80 -17.13
N GLN B 438 -9.22 -22.22 -17.02
CA GLN B 438 -8.12 -21.27 -16.88
C GLN B 438 -7.95 -20.39 -18.11
N ARG B 439 -8.60 -20.73 -19.21
N ARG B 439 -8.58 -20.78 -19.21
CA ARG B 439 -8.50 -19.92 -20.42
CA ARG B 439 -8.55 -20.04 -20.47
C ARG B 439 -9.67 -18.96 -20.57
C ARG B 439 -9.64 -18.98 -20.51
N ARG B 440 -10.88 -19.39 -20.22
CA ARG B 440 -12.03 -18.49 -20.31
C ARG B 440 -11.95 -17.39 -19.25
N ILE B 441 -11.42 -17.74 -18.08
CA ILE B 441 -11.18 -16.76 -17.03
C ILE B 441 -10.27 -15.65 -17.56
N LYS B 442 -9.32 -16.03 -18.42
N LYS B 442 -9.32 -16.03 -18.42
CA LYS B 442 -8.39 -15.05 -18.99
CA LYS B 442 -8.39 -15.07 -19.01
C LYS B 442 -9.08 -14.16 -20.03
C LYS B 442 -9.10 -14.16 -20.00
N LYS B 443 -9.96 -14.74 -20.84
CA LYS B 443 -10.68 -13.97 -21.86
C LYS B 443 -11.71 -13.03 -21.25
N VAL B 444 -12.46 -13.51 -20.26
CA VAL B 444 -13.44 -12.67 -19.58
C VAL B 444 -12.72 -11.55 -18.84
N THR B 445 -11.60 -11.88 -18.21
CA THR B 445 -10.83 -10.92 -17.44
C THR B 445 -10.14 -9.94 -18.37
N HIS B 446 -9.76 -10.41 -19.56
CA HIS B 446 -9.24 -9.51 -20.58
C HIS B 446 -10.36 -8.65 -21.15
N ASP B 447 -11.48 -9.28 -21.50
CA ASP B 447 -12.64 -8.56 -22.02
C ASP B 447 -13.08 -7.47 -21.07
N MET B 448 -13.21 -7.85 -19.80
CA MET B 448 -13.59 -6.93 -18.75
C MET B 448 -12.63 -5.74 -18.70
N ASP B 449 -11.33 -6.01 -18.76
CA ASP B 449 -10.36 -4.94 -18.68
C ASP B 449 -10.45 -3.97 -19.86
N MET B 450 -10.76 -4.49 -21.05
CA MET B 450 -10.79 -3.64 -22.23
C MET B 450 -12.07 -2.79 -22.33
N CYS B 451 -13.02 -3.02 -21.42
CA CYS B 451 -14.18 -2.13 -21.29
C CYS B 451 -13.75 -0.74 -20.84
N TYR B 452 -12.59 -0.66 -20.20
CA TYR B 452 -12.10 0.60 -19.65
C TYR B 452 -11.13 1.31 -20.60
N GLY B 453 -10.97 0.77 -21.81
CA GLY B 453 -9.97 1.27 -22.72
C GLY B 453 -8.78 0.33 -22.86
N MET B 454 -7.91 0.61 -23.83
CA MET B 454 -6.82 -0.29 -24.17
C MET B 454 -5.75 -0.46 -23.09
N MET B 455 -5.71 0.46 -22.14
CA MET B 455 -4.75 0.40 -21.04
C MET B 455 -5.46 0.10 -19.72
N GLY B 456 -6.69 -0.38 -19.80
CA GLY B 456 -7.41 -0.85 -18.64
C GLY B 456 -7.90 0.21 -17.68
N SER B 457 -8.37 -0.24 -16.52
CA SER B 457 -8.91 0.63 -15.49
C SER B 457 -7.86 1.56 -14.93
N LEU B 458 -8.30 2.74 -14.51
CA LEU B 458 -7.44 3.63 -13.75
C LEU B 458 -6.90 2.92 -12.50
N PHE B 459 -7.77 2.18 -11.82
CA PHE B 459 -7.50 1.69 -10.46
C PHE B 459 -6.92 0.29 -10.32
N ARG B 460 -6.94 -0.51 -11.39
CA ARG B 460 -6.50 -1.90 -11.27
C ARG B 460 -6.27 -2.61 -12.59
N SER B 461 -5.49 -3.68 -12.53
CA SER B 461 -5.49 -4.71 -13.56
C SER B 461 -5.77 -6.03 -12.88
N GLY B 462 -6.94 -6.60 -13.17
CA GLY B 462 -7.40 -7.83 -12.55
C GLY B 462 -7.16 -7.86 -11.05
N SER B 463 -6.50 -8.92 -10.61
CA SER B 463 -5.99 -9.07 -9.25
C SER B 463 -5.55 -7.78 -8.59
N ARG B 464 -4.63 -7.12 -9.27
CA ARG B 464 -3.72 -6.17 -8.67
C ARG B 464 -4.23 -4.74 -8.72
N GLN B 465 -3.99 -3.99 -7.64
CA GLN B 465 -4.30 -2.58 -7.64
C GLN B 465 -3.20 -1.81 -8.34
N THR B 466 -3.54 -0.62 -8.83
CA THR B 466 -2.53 0.21 -9.46
C THR B 466 -1.88 1.12 -8.46
N LEU B 467 -0.61 1.43 -8.71
CA LEU B 467 0.09 2.50 -8.03
C LEU B 467 -0.78 3.75 -7.90
N PHE B 468 -1.64 3.99 -8.90
CA PHE B 468 -2.55 5.12 -8.85
C PHE B 468 -3.55 4.97 -7.72
N ALA B 469 -4.17 3.80 -7.66
CA ALA B 469 -5.13 3.48 -6.61
C ALA B 469 -4.51 3.70 -5.24
N SER B 470 -3.24 3.32 -5.10
CA SER B 470 -2.59 3.46 -3.81
C SER B 470 -2.34 4.92 -3.48
N GLN B 471 -2.02 5.73 -4.48
CA GLN B 471 -1.85 7.17 -4.28
C GLN B 471 -3.16 7.80 -3.84
N VAL B 472 -4.24 7.46 -4.54
CA VAL B 472 -5.58 7.92 -4.18
C VAL B 472 -5.89 7.62 -2.72
N MET B 473 -5.57 6.41 -2.28
CA MET B 473 -5.89 5.99 -0.91
C MET B 473 -4.97 6.63 0.12
N ARG B 474 -3.73 6.92 -0.29
CA ARG B 474 -2.80 7.66 0.54
C ARG B 474 -3.29 9.09 0.76
N TYR B 475 -3.64 9.77 -0.33
CA TYR B 475 -3.83 11.23 -0.33
C TYR B 475 -5.21 11.73 0.02
N ALA B 476 -6.25 10.99 -0.37
CA ALA B 476 -7.62 11.52 -0.35
C ALA B 476 -8.48 11.00 0.80
N ASP B 477 -9.03 11.92 1.59
CA ASP B 477 -10.05 11.56 2.57
C ASP B 477 -11.32 11.13 1.84
N LEU B 478 -11.75 11.95 0.87
CA LEU B 478 -12.94 11.67 0.06
C LEU B 478 -12.60 11.59 -1.42
N TYR B 479 -13.47 10.96 -2.21
CA TYR B 479 -13.34 11.04 -3.67
C TYR B 479 -14.63 10.72 -4.41
N ALA B 480 -14.75 11.27 -5.62
CA ALA B 480 -15.88 11.05 -6.52
C ALA B 480 -15.52 11.55 -7.93
N ALA B 481 -16.41 11.32 -8.88
CA ALA B 481 -16.17 11.73 -10.26
C ALA B 481 -16.15 13.26 -10.39
N SER B 482 -16.90 13.92 -9.53
CA SER B 482 -16.89 15.39 -9.45
C SER B 482 -17.19 15.83 -8.04
N PHE B 483 -16.73 17.02 -7.66
CA PHE B 483 -17.00 17.52 -6.32
C PHE B 483 -18.49 17.80 -6.16
N ILE B 484 -19.15 18.01 -7.29
CA ILE B 484 -20.55 18.41 -7.33
C ILE B 484 -21.43 17.48 -6.51
N ASN B 485 -21.05 16.20 -6.44
CA ASN B 485 -21.83 15.21 -5.71
C ASN B 485 -21.96 15.50 -4.21
N LEU B 486 -21.21 16.48 -3.71
CA LEU B 486 -21.41 16.94 -2.35
C LEU B 486 -22.84 17.44 -2.16
N LEU B 487 -23.42 17.93 -3.26
CA LEU B 487 -24.78 18.47 -3.28
C LEU B 487 -25.81 17.54 -2.65
N TYR B 488 -25.52 16.25 -2.64
CA TYR B 488 -26.49 15.26 -2.21
C TYR B 488 -26.30 14.85 -0.74
N TYR B 489 -25.44 15.57 -0.02
CA TYR B 489 -25.20 15.32 1.40
C TYR B 489 -25.38 16.59 2.24
N PRO B 490 -25.90 16.45 3.47
CA PRO B 490 -26.00 17.59 4.37
C PRO B 490 -24.65 17.93 4.99
N PHE B 491 -24.52 19.11 5.56
CA PHE B 491 -23.24 19.56 6.12
C PHE B 491 -23.10 19.14 7.57
N SER B 492 -23.98 18.22 7.97
CA SER B 492 -23.93 17.59 9.28
C SER B 492 -23.58 16.13 9.09
N TYR B 493 -23.33 15.76 7.85
CA TYR B 493 -23.11 14.36 7.49
C TYR B 493 -21.86 13.80 8.13
N LEU B 494 -21.92 12.52 8.44
CA LEU B 494 -20.77 11.82 8.96
C LEU B 494 -20.32 10.79 7.93
N PHE B 495 -19.37 11.18 7.10
CA PHE B 495 -18.77 10.27 6.13
C PHE B 495 -17.95 9.23 6.87
N ARG B 496 -18.38 7.97 6.79
CA ARG B 496 -17.70 6.90 7.52
C ARG B 496 -16.90 6.01 6.59
N ALA B 497 -15.60 5.93 6.85
CA ALA B 497 -14.67 5.22 5.97
C ALA B 497 -15.16 3.84 5.63
N ALA B 498 -15.28 3.59 4.34
CA ALA B 498 -15.39 2.23 3.87
C ALA B 498 -14.03 1.62 4.13
N HIS B 499 -14.00 0.32 4.02
CA HIS B 499 -13.23 -0.47 4.93
C HIS B 499 -12.55 -1.54 4.09
N VAL B 500 -11.22 -1.53 4.08
CA VAL B 500 -10.47 -2.27 3.07
C VAL B 500 -9.89 -3.57 3.63
N LEU B 501 -10.47 -4.70 3.21
CA LEU B 501 -10.19 -5.99 3.84
C LEU B 501 -9.04 -6.78 3.21
N MET B 502 -8.31 -7.49 4.06
CA MET B 502 -7.28 -8.41 3.63
C MET B 502 -7.90 -9.76 3.30
N PRO B 503 -7.17 -10.62 2.55
CA PRO B 503 -7.69 -11.95 2.19
C PRO B 503 -8.38 -12.67 3.34
N HIS B 504 -7.71 -12.77 4.49
CA HIS B 504 -8.24 -13.53 5.62
C HIS B 504 -9.43 -12.85 6.29
N GLU B 505 -9.68 -11.58 5.95
CA GLU B 505 -10.84 -10.89 6.49
C GLU B 505 -12.00 -10.95 5.50
N SER B 506 -11.69 -10.83 4.22
CA SER B 506 -12.72 -10.82 3.20
C SER B 506 -13.26 -12.22 2.91
N THR B 507 -12.44 -13.23 3.16
CA THR B 507 -12.81 -14.59 2.76
C THR B 507 -13.03 -15.56 3.91
N VAL B 508 -13.17 -15.05 5.14
CA VAL B 508 -13.73 -15.88 6.21
C VAL B 508 -14.72 -15.05 7.03
N GLU B 509 -15.80 -15.72 7.44
CA GLU B 509 -16.96 -15.08 8.02
C GLU B 509 -16.95 -15.09 9.54
N HIS B 510 -17.82 -14.28 10.13
CA HIS B 510 -17.80 -14.06 11.57
C HIS B 510 -18.43 -15.19 12.37
N THR B 511 -19.08 -16.15 11.71
CA THR B 511 -19.61 -17.31 12.40
C THR B 511 -18.68 -18.51 12.27
C4 5WO C . 3.86 -27.05 13.84
C5 5WO C . 3.89 -25.75 14.18
C6 5WO C . 2.73 -25.08 14.39
C8 5WO C . 5.85 -26.60 14.43
N1 5WO C . 1.69 -25.63 13.77
N3 5WO C . 2.74 -27.66 13.40
C2 5WO C . 1.57 -26.94 13.37
N6 5WO C . 2.74 -23.73 14.59
N7 5WO C . 5.12 -25.51 14.61
N9 5WO C . 5.07 -27.55 13.96
C3 5WO C . 0.31 -23.30 14.81
C7 5WO C . -0.09 -24.56 15.28
C10 5WO C . -2.28 -24.42 14.52
C11 5WO C . -1.95 -23.18 13.97
C12 5WO C . -0.65 -22.65 14.05
C13 5WO C . 1.66 -22.86 14.78
C1 5WO C . -1.53 -26.32 15.90
C14 5WO C . -2.44 -27.30 15.51
C16 5WO C . -1.95 -28.62 17.46
C17 5WO C . -1.15 -27.60 17.95
C18 5WO C . -0.98 -26.44 17.19
C19 5WO C . -1.37 -25.06 15.34
N2 5WO C . -3.34 -29.47 15.80
C9 5WO C . -3.89 -29.45 14.59
C20 5WO C . -4.64 -30.52 14.47
C21 5WO C . -4.58 -31.21 15.61
C22 5WO C . -3.77 -30.55 16.44
C23 5WO C . -2.55 -28.48 16.22
O1 5WO C . 1.85 -21.65 14.95
C ACT D . 11.21 -35.27 -7.64
O ACT D . 11.82 -36.15 -8.26
OXT ACT D . 10.57 -35.65 -6.63
CH3 ACT D . 11.24 -33.83 -8.07
C ACT E . -7.23 14.73 17.38
O ACT E . -7.23 14.12 16.30
OXT ACT E . -7.47 14.03 18.39
CH3 ACT E . -6.98 16.20 17.46
C ACT F . 1.92 -12.10 33.72
O ACT F . 2.59 -11.30 33.02
OXT ACT F . 2.31 -12.30 34.88
CH3 ACT F . 0.71 -12.79 33.16
C ACT G . -20.34 -5.81 -3.89
O ACT G . -19.30 -5.49 -3.27
OXT ACT G . -21.41 -5.64 -3.27
CH3 ACT G . -20.29 -6.35 -5.28
C ACT H . 29.62 -23.73 11.94
O ACT H . 30.35 -22.79 11.55
OXT ACT H . 29.86 -24.17 13.09
CH3 ACT H . 28.53 -24.31 11.08
C ACT I . -10.13 -16.75 -2.26
O ACT I . -8.90 -16.65 -2.37
OXT ACT I . -10.54 -17.78 -1.65
CH3 ACT I . -11.08 -15.73 -2.82
P PO4 J . 16.50 -18.55 10.41
O1 PO4 J . 17.09 -17.79 9.25
O2 PO4 J . 16.10 -19.94 9.97
O3 PO4 J . 15.29 -17.82 10.94
O4 PO4 J . 17.54 -18.68 11.50
P PO4 K . -7.86 -20.63 -0.49
O1 PO4 K . -6.36 -20.66 -0.67
O2 PO4 K . -8.35 -19.21 -0.38
O3 PO4 K . -8.50 -21.28 -1.68
O4 PO4 K . -8.22 -21.37 0.77
MG MG L . 13.13 -17.19 10.87
C1 GOL M . 14.54 -13.56 -3.15
O1 GOL M . 14.26 -14.04 -4.46
C2 GOL M . 13.66 -12.36 -2.85
O2 GOL M . 12.34 -12.60 -3.33
C3 GOL M . 13.61 -12.12 -1.34
O3 GOL M . 13.20 -13.28 -0.66
C1 GOL N . -3.62 -37.01 6.21
O1 GOL N . -3.30 -36.95 4.84
C2 GOL N . -3.61 -35.61 6.81
O2 GOL N . -4.46 -34.76 6.05
C3 GOL N . -4.08 -35.69 8.25
O3 GOL N . -4.48 -34.41 8.71
C1 GOL O . 2.14 -14.86 19.67
O1 GOL O . 2.19 -13.93 18.61
C2 GOL O . 3.04 -16.05 19.37
O2 GOL O . 2.33 -17.01 18.64
C3 GOL O . 4.25 -15.59 18.55
O3 GOL O . 4.96 -16.74 18.15
C1 GOL P . 20.11 -16.85 14.70
O1 GOL P . 19.71 -16.94 13.35
C2 GOL P . 19.03 -17.43 15.61
O2 GOL P . 18.00 -16.49 15.81
C3 GOL P . 19.67 -17.86 16.93
O3 GOL P . 18.83 -17.56 18.01
C1 GOL Q . -8.66 -29.14 34.36
O1 GOL Q . -8.02 -27.94 34.73
C2 GOL Q . -8.88 -29.19 32.85
O2 GOL Q . -10.21 -29.61 32.58
C3 GOL Q . -8.62 -27.84 32.19
O3 GOL Q . -8.88 -27.92 30.80
C1 GOL R . -5.38 -32.09 19.66
O1 GOL R . -6.45 -32.48 18.82
C2 GOL R . -4.77 -33.34 20.28
O2 GOL R . -5.79 -34.29 20.45
C3 GOL R . -3.71 -33.88 19.33
O3 GOL R . -2.46 -33.94 19.99
C1 GOL S . 15.97 -27.64 33.95
O1 GOL S . 17.24 -28.12 34.34
C2 GOL S . 15.75 -27.98 32.48
O2 GOL S . 16.64 -27.24 31.69
C3 GOL S . 16.02 -29.47 32.27
O3 GOL S . 14.80 -30.14 32.00
C1 GOL T . 5.86 -29.43 27.75
O1 GOL T . 4.81 -30.29 27.37
C2 GOL T . 5.33 -28.07 28.25
O2 GOL T . 4.09 -27.74 27.67
C3 GOL T . 5.23 -28.10 29.77
O3 GOL T . 6.41 -28.67 30.30
C4 5WO U . -19.80 19.82 -12.85
C5 5WO U . -19.05 19.41 -13.88
C6 5WO U . -19.06 18.14 -14.27
C8 5WO U . -18.72 21.53 -13.58
N1 5WO U . -19.82 17.21 -13.67
N3 5WO U . -20.60 18.94 -12.20
C2 5WO U . -20.63 17.60 -12.60
N6 5WO U . -18.29 17.81 -15.30
N7 5WO U . -18.38 20.48 -14.32
N9 5WO U . -19.60 21.12 -12.67
C ACT V . 3.72 17.18 -4.99
O ACT V . 4.84 17.59 -4.60
OXT ACT V . 3.12 16.41 -4.22
CH3 ACT V . 3.15 17.57 -6.32
C ACT W . -20.60 31.79 8.14
O ACT W . -21.28 31.31 7.21
OXT ACT W . -20.87 32.96 8.48
CH3 ACT W . -19.50 30.99 8.80
C ACT X . -16.83 -11.11 5.83
O ACT X . -16.75 -12.34 5.62
OXT ACT X . -16.60 -10.36 4.85
CH3 ACT X . -17.22 -10.55 7.17
C ACT Y . -11.18 8.17 -32.72
O ACT Y . -10.00 8.44 -32.45
OXT ACT Y . -11.56 8.50 -33.87
CH3 ACT Y . -12.09 7.49 -31.75
P PO4 Z . -5.27 25.01 -10.89
O1 PO4 Z . -5.66 23.64 -11.42
O2 PO4 Z . -4.21 24.86 -9.84
O3 PO4 Z . -4.71 25.84 -12.02
O4 PO4 Z . -6.48 25.69 -10.30
P PO4 AA . -21.30 7.39 1.81
O1 PO4 AA . -20.72 6.00 1.76
O2 PO4 AA . -20.22 8.43 1.76
O3 PO4 AA . -22.23 7.58 0.62
O4 PO4 AA . -22.05 7.56 3.11
P PO4 BA . -3.67 25.81 -18.06
O1 PO4 BA . -2.77 25.41 -19.21
O2 PO4 BA . -5.00 25.10 -18.18
O3 PO4 BA . -3.89 27.31 -18.13
O4 PO4 BA . -3.03 25.47 -16.74
MG MG CA . -6.13 21.32 -11.23
C1 GOL DA . 14.98 14.33 -34.74
O1 GOL DA . 13.72 13.87 -35.16
C2 GOL DA . 14.85 15.66 -34.02
O2 GOL DA . 16.13 16.13 -33.64
C3 GOL DA . 14.20 16.69 -34.93
O3 GOL DA . 14.35 17.96 -34.34
C1 GOL EA . -11.19 -9.55 -10.71
O1 GOL EA . -10.67 -9.44 -12.02
C2 GOL EA . -11.70 -8.18 -10.26
O2 GOL EA . -12.89 -7.86 -10.93
C3 GOL EA . -11.95 -8.19 -8.76
O3 GOL EA . -12.57 -6.96 -8.40
C1 GOL FA . -2.76 19.29 0.29
O1 GOL FA . -3.88 19.64 1.07
C2 GOL FA . -1.56 19.08 1.20
O2 GOL FA . -0.40 19.06 0.40
C3 GOL FA . -1.44 20.24 2.19
O3 GOL FA . -2.16 19.97 3.38
#